data_3RN8
#
_entry.id   3RN8
#
_cell.length_a   113.889
_cell.length_b   163.232
_cell.length_c   47.356
_cell.angle_alpha   90.00
_cell.angle_beta   90.00
_cell.angle_gamma   90.00
#
_symmetry.space_group_name_H-M   'P 21 21 2'
#
loop_
_entity.id
_entity.type
_entity.pdbx_description
1 polymer 'Glutamate receptor 2'
2 non-polymer 'GLUTAMIC ACID'
3 non-polymer "3,3'-benzene-1,4-diylbis(4-cyano-5-ethylthiophene-2-carboxylic acid)"
4 non-polymer 'ZINC ION'
5 non-polymer 'ACETATE ION'
6 non-polymer 'SULFATE ION'
7 water water
#
_entity_poly.entity_id   1
_entity_poly.type   'polypeptide(L)'
_entity_poly.pdbx_seq_one_letter_code
;RGANKTVVVTTILESPYVMMKKNHEMLEGNERYEGYCVDLAAEIAKHCGFKYKLTIVGDGKYGARDADTKIWNGMVGELV
YGKADIAIAPLTITLVREEVIDFSKPFMSLGISIMIKKGTPIESAEDLSKQTEIAYGTLDSGSTKEFFRRSKIAVFDKMW
TYMRSAEPSVFVRTTAEGVARVRKSKGKYAYLLESTMNEYIEQRKPCDTMKVGGNLDSKGYGIATPKGSSLGNAVNLAVL
KLNEQGLLDKLKNKWWYDKGECGSGGGDSKEKTSALSLSN
;
_entity_poly.pdbx_strand_id   A,B,C
#
loop_
_chem_comp.id
_chem_comp.type
_chem_comp.name
_chem_comp.formula
ACT non-polymer 'ACETATE ION' 'C2 H3 O2 -1'
RN8 non-polymer '3,3'-benzene-1,4-diylbis(4-cyano-5-ethylthiophene-2-carboxylic acid)' 'C22 H16 N2 O4 S2'
SO4 non-polymer 'SULFATE ION' 'O4 S -2'
ZN non-polymer 'ZINC ION' 'Zn 2'
#
# COMPACT_ATOMS: atom_id res chain seq x y z
N LYS A 5 10.64 18.24 -8.59
CA LYS A 5 11.45 17.48 -9.56
C LYS A 5 10.98 16.02 -9.52
N THR A 6 11.28 15.30 -10.60
CA THR A 6 10.98 13.88 -10.62
C THR A 6 11.86 13.15 -9.60
N VAL A 7 11.21 12.34 -8.78
CA VAL A 7 11.88 11.61 -7.71
C VAL A 7 12.60 10.38 -8.27
N VAL A 8 13.91 10.27 -8.03
CA VAL A 8 14.62 9.08 -8.52
C VAL A 8 14.48 8.00 -7.42
N VAL A 9 13.85 6.88 -7.77
CA VAL A 9 13.66 5.77 -6.82
C VAL A 9 14.69 4.72 -7.13
N THR A 10 15.50 4.38 -6.12
CA THR A 10 16.40 3.23 -6.23
C THR A 10 15.68 1.97 -5.76
N THR A 11 15.83 0.89 -6.51
CA THR A 11 15.27 -0.38 -6.10
C THR A 11 16.17 -1.54 -6.62
N ILE A 12 15.73 -2.77 -6.40
CA ILE A 12 16.58 -3.91 -6.67
C ILE A 12 15.76 -5.00 -7.35
N LEU A 13 16.38 -5.67 -8.32
CA LEU A 13 15.71 -6.81 -8.97
C LEU A 13 15.74 -8.00 -8.01
N GLU A 14 14.63 -8.19 -7.30
CA GLU A 14 14.47 -9.23 -6.30
C GLU A 14 13.02 -9.67 -6.37
N SER A 15 12.78 -10.92 -6.80
CA SER A 15 11.40 -11.38 -6.92
C SER A 15 10.73 -11.64 -5.57
N PRO A 16 9.41 -11.34 -5.41
CA PRO A 16 8.46 -10.77 -6.37
C PRO A 16 8.35 -9.22 -6.21
N TYR A 17 9.36 -8.62 -5.59
CA TYR A 17 9.33 -7.17 -5.35
C TYR A 17 9.46 -6.31 -6.63
N VAL A 18 10.49 -6.61 -7.42
CA VAL A 18 10.70 -5.95 -8.71
C VAL A 18 11.26 -6.98 -9.68
N MET A 19 10.61 -7.05 -10.84
CA MET A 19 10.93 -8.04 -11.89
C MET A 19 10.79 -7.38 -13.24
N MET A 20 11.63 -7.79 -14.19
CA MET A 20 11.46 -7.33 -15.58
C MET A 20 10.18 -7.94 -16.15
N LYS A 21 9.33 -7.11 -16.71
CA LYS A 21 8.18 -7.59 -17.50
C LYS A 21 8.65 -8.38 -18.74
N LYS A 22 7.94 -9.45 -19.05
CA LYS A 22 8.19 -10.24 -20.25
C LYS A 22 8.55 -9.43 -21.43
N ASN A 23 7.78 -8.40 -21.65
CA ASN A 23 7.91 -7.62 -22.82
C ASN A 23 8.60 -6.29 -22.64
N HIS A 24 9.50 -6.22 -21.67
CA HIS A 24 10.04 -4.94 -21.22
C HIS A 24 10.78 -4.14 -22.30
N GLU A 25 11.38 -4.86 -23.26
CA GLU A 25 12.13 -4.21 -24.33
C GLU A 25 11.23 -3.30 -25.22
N MET A 26 9.95 -3.64 -25.22
CA MET A 26 8.92 -2.92 -25.97
C MET A 26 8.30 -1.78 -25.16
N LEU A 27 8.67 -1.68 -23.89
CA LEU A 27 8.04 -0.73 -22.97
C LEU A 27 9.05 0.32 -22.52
N GLU A 28 8.58 1.39 -21.87
CA GLU A 28 9.50 2.43 -21.47
C GLU A 28 9.36 2.84 -20.02
N GLY A 29 10.48 3.25 -19.43
CA GLY A 29 10.45 3.90 -18.12
C GLY A 29 9.89 2.96 -17.08
N ASN A 30 8.99 3.49 -16.22
CA ASN A 30 8.45 2.69 -15.14
C ASN A 30 7.66 1.46 -15.59
N GLU A 31 7.16 1.52 -16.81
CA GLU A 31 6.37 0.40 -17.37
C GLU A 31 7.16 -0.86 -17.64
N ARG A 32 8.50 -0.78 -17.63
CA ARG A 32 9.31 -1.98 -17.82
C ARG A 32 9.24 -3.03 -16.69
N TYR A 33 8.79 -2.61 -15.52
CA TYR A 33 8.95 -3.44 -14.34
C TYR A 33 7.61 -3.81 -13.75
N GLU A 34 7.62 -4.88 -12.98
CA GLU A 34 6.41 -5.27 -12.22
C GLU A 34 6.78 -5.87 -10.90
N GLY A 35 5.83 -5.89 -9.96
CA GLY A 35 6.06 -6.53 -8.67
C GLY A 35 5.47 -5.75 -7.53
N TYR A 36 5.62 -6.30 -6.34
CA TYR A 36 5.05 -5.72 -5.12
C TYR A 36 5.56 -4.30 -4.91
N CYS A 37 6.87 -4.12 -5.06
CA CYS A 37 7.45 -2.77 -4.87
C CYS A 37 7.14 -1.85 -6.02
N VAL A 38 6.89 -2.38 -7.20
CA VAL A 38 6.47 -1.52 -8.32
C VAL A 38 5.05 -0.95 -8.04
N ASP A 39 4.14 -1.82 -7.57
CA ASP A 39 2.76 -1.40 -7.18
C ASP A 39 2.82 -0.42 -6.01
N LEU A 40 3.70 -0.73 -5.06
CA LEU A 40 3.78 0.12 -3.88
C LEU A 40 4.31 1.52 -4.24
N ALA A 41 5.36 1.57 -5.06
CA ALA A 41 5.94 2.89 -5.49
C ALA A 41 4.89 3.76 -6.15
N ALA A 42 4.08 3.16 -7.04
CA ALA A 42 3.05 3.93 -7.71
C ALA A 42 2.07 4.56 -6.70
N GLU A 43 1.70 3.79 -5.69
CA GLU A 43 0.79 4.29 -4.65
C GLU A 43 1.44 5.32 -3.73
N ILE A 44 2.66 5.06 -3.29
CA ILE A 44 3.36 6.06 -2.47
CA ILE A 44 3.39 6.05 -2.48
C ILE A 44 3.45 7.38 -3.23
N ALA A 45 3.81 7.31 -4.52
CA ALA A 45 3.94 8.53 -5.36
C ALA A 45 2.61 9.26 -5.48
N LYS A 46 1.52 8.51 -5.64
CA LYS A 46 0.22 9.10 -5.90
C LYS A 46 -0.25 9.79 -4.62
N HIS A 47 -0.03 9.13 -3.50
CA HIS A 47 -0.42 9.68 -2.21
C HIS A 47 0.42 10.85 -1.73
N CYS A 48 1.70 10.89 -2.09
CA CYS A 48 2.58 11.99 -1.69
C CYS A 48 2.63 13.11 -2.72
N GLY A 49 2.02 12.86 -3.88
CA GLY A 49 1.93 13.83 -4.95
C GLY A 49 3.22 14.11 -5.68
N PHE A 50 3.99 13.06 -6.01
CA PHE A 50 5.21 13.25 -6.80
C PHE A 50 5.31 12.35 -8.04
N LYS A 51 6.01 12.83 -9.05
CA LYS A 51 6.36 12.04 -10.23
C LYS A 51 7.67 11.35 -9.92
N TYR A 52 7.88 10.18 -10.53
CA TYR A 52 9.06 9.38 -10.18
C TYR A 52 9.61 8.56 -11.31
N LYS A 53 10.87 8.16 -11.14
CA LYS A 53 11.53 7.26 -12.06
C LYS A 53 12.14 6.10 -11.27
N LEU A 54 11.69 4.89 -11.57
CA LEU A 54 12.31 3.67 -11.03
C LEU A 54 13.69 3.43 -11.64
N THR A 55 14.68 3.18 -10.80
CA THR A 55 16.04 2.87 -11.28
C THR A 55 16.56 1.66 -10.50
N ILE A 56 17.14 0.70 -11.21
CA ILE A 56 17.71 -0.47 -10.56
C ILE A 56 19.12 -0.14 -10.04
N VAL A 57 19.37 -0.44 -8.77
CA VAL A 57 20.63 -0.12 -8.11
C VAL A 57 21.85 -0.68 -8.92
N GLY A 58 22.85 0.19 -9.14
CA GLY A 58 23.94 -0.11 -10.08
C GLY A 58 24.75 -1.34 -9.71
N ASP A 59 25.02 -1.50 -8.43
CA ASP A 59 25.93 -2.58 -8.00
C ASP A 59 25.17 -3.81 -7.56
N GLY A 60 23.83 -3.76 -7.70
CA GLY A 60 22.94 -4.88 -7.38
C GLY A 60 22.88 -5.30 -5.92
N LYS A 61 23.28 -4.42 -5.01
CA LYS A 61 23.39 -4.71 -3.60
C LYS A 61 22.40 -3.91 -2.72
N TYR A 62 22.13 -4.44 -1.53
CA TYR A 62 21.21 -3.81 -0.59
C TYR A 62 21.89 -2.62 0.08
N GLY A 63 23.03 -2.87 0.71
CA GLY A 63 23.75 -1.75 1.33
C GLY A 63 24.54 -2.14 2.55
N ALA A 64 25.84 -1.88 2.50
CA ALA A 64 26.72 -2.18 3.63
C ALA A 64 27.83 -1.15 3.59
N ARG A 65 28.45 -0.89 4.74
CA ARG A 65 29.57 0.05 4.80
C ARG A 65 30.90 -0.72 4.78
N ASP A 66 31.78 -0.41 3.83
CA ASP A 66 33.14 -0.97 3.82
C ASP A 66 33.89 -0.61 5.11
N ALA A 67 34.30 -1.64 5.84
CA ALA A 67 35.03 -1.50 7.11
C ALA A 67 36.29 -0.63 6.97
N ASP A 68 36.97 -0.77 5.84
CA ASP A 68 38.21 -0.03 5.60
C ASP A 68 37.99 1.31 4.90
N THR A 69 37.25 1.31 3.80
CA THR A 69 37.01 2.57 3.03
C THR A 69 35.92 3.48 3.59
N LYS A 70 35.07 2.93 4.47
CA LYS A 70 33.93 3.66 5.05
C LYS A 70 32.85 4.06 4.03
N ILE A 71 32.98 3.56 2.81
CA ILE A 71 32.02 3.86 1.74
C ILE A 71 30.83 2.88 1.80
N TRP A 72 29.63 3.43 1.70
CA TRP A 72 28.42 2.61 1.63
C TRP A 72 28.15 2.22 0.19
N ASN A 73 27.83 0.94 -0.04
CA ASN A 73 27.45 0.47 -1.36
C ASN A 73 25.91 0.26 -1.44
N GLY A 74 25.47 -0.36 -2.53
CA GLY A 74 24.05 -0.72 -2.72
C GLY A 74 23.07 0.46 -2.65
N MET A 75 21.80 0.14 -2.38
CA MET A 75 20.76 1.17 -2.35
C MET A 75 21.03 2.21 -1.28
N VAL A 76 21.52 1.75 -0.13
CA VAL A 76 21.88 2.65 0.96
C VAL A 76 22.91 3.67 0.43
N GLY A 77 23.96 3.21 -0.26
CA GLY A 77 24.94 4.14 -0.85
C GLY A 77 24.31 5.12 -1.82
N GLU A 78 23.38 4.66 -2.65
N GLU A 78 23.40 4.64 -2.66
CA GLU A 78 22.73 5.60 -3.56
CA GLU A 78 22.68 5.54 -3.57
C GLU A 78 21.93 6.72 -2.88
C GLU A 78 22.04 6.72 -2.81
N LEU A 79 21.37 6.43 -1.72
CA LEU A 79 20.79 7.48 -0.93
C LEU A 79 21.84 8.38 -0.22
N VAL A 80 22.80 7.75 0.38
CA VAL A 80 23.79 8.46 1.19
C VAL A 80 24.54 9.44 0.28
N TYR A 81 24.85 9.04 -0.96
CA TYR A 81 25.66 9.89 -1.85
C TYR A 81 24.84 10.78 -2.77
N GLY A 82 23.51 10.73 -2.62
CA GLY A 82 22.64 11.63 -3.39
C GLY A 82 22.33 11.20 -4.80
N LYS A 83 22.57 9.94 -5.12
CA LYS A 83 22.26 9.43 -6.45
C LYS A 83 20.76 9.09 -6.63
N ALA A 84 20.08 8.79 -5.53
CA ALA A 84 18.63 8.55 -5.52
C ALA A 84 17.97 9.32 -4.38
N ASP A 85 16.68 9.59 -4.54
CA ASP A 85 15.89 10.39 -3.61
C ASP A 85 15.12 9.55 -2.58
N ILE A 86 14.88 8.28 -2.94
CA ILE A 86 14.10 7.36 -2.12
C ILE A 86 14.42 5.91 -2.56
N ALA A 87 14.33 4.98 -1.62
CA ALA A 87 14.53 3.56 -1.96
C ALA A 87 13.25 2.85 -1.57
N ILE A 88 12.69 2.14 -2.56
CA ILE A 88 11.42 1.43 -2.35
C ILE A 88 11.70 -0.02 -2.75
N ALA A 89 11.99 -0.83 -1.75
CA ALA A 89 12.60 -2.14 -1.96
C ALA A 89 12.46 -2.97 -0.66
N PRO A 90 12.75 -4.28 -0.71
CA PRO A 90 12.80 -5.09 0.53
C PRO A 90 14.08 -4.79 1.34
N LEU A 91 14.14 -3.56 1.79
CA LEU A 91 15.34 -3.01 2.43
C LEU A 91 15.10 -3.08 3.95
N THR A 92 15.90 -3.87 4.63
CA THR A 92 15.71 -4.12 6.05
C THR A 92 16.07 -2.91 6.92
N ILE A 93 15.18 -2.59 7.85
CA ILE A 93 15.46 -1.54 8.83
C ILE A 93 16.47 -2.08 9.88
N THR A 94 17.63 -1.43 9.95
CA THR A 94 18.65 -1.81 10.95
C THR A 94 19.21 -0.55 11.62
N LEU A 95 19.78 -0.72 12.81
CA LEU A 95 20.37 0.38 13.55
C LEU A 95 21.47 1.08 12.74
N VAL A 96 22.41 0.30 12.17
CA VAL A 96 23.53 0.96 11.48
CA VAL A 96 23.54 0.88 11.45
C VAL A 96 23.05 1.72 10.27
N ARG A 97 21.98 1.22 9.64
CA ARG A 97 21.40 1.99 8.54
C ARG A 97 20.65 3.24 9.00
N GLU A 98 19.88 3.12 10.09
CA GLU A 98 19.07 4.24 10.58
C GLU A 98 19.98 5.38 11.06
N GLU A 99 21.24 5.07 11.33
CA GLU A 99 22.19 6.14 11.65
C GLU A 99 22.56 7.04 10.44
N VAL A 100 22.40 6.55 9.20
CA VAL A 100 22.83 7.32 8.02
C VAL A 100 21.69 7.67 7.05
N ILE A 101 20.59 6.92 7.15
CA ILE A 101 19.41 7.22 6.34
C ILE A 101 18.16 7.15 7.20
N ASP A 102 17.04 7.66 6.67
CA ASP A 102 15.75 7.60 7.40
C ASP A 102 14.89 6.49 6.81
N PHE A 103 14.13 5.80 7.66
CA PHE A 103 13.15 4.78 7.24
C PHE A 103 11.77 5.18 7.70
N SER A 104 10.79 4.83 6.86
CA SER A 104 9.39 4.89 7.25
C SER A 104 9.14 3.82 8.30
N LYS A 105 7.95 3.88 8.90
CA LYS A 105 7.43 2.70 9.56
C LYS A 105 7.45 1.51 8.55
N PRO A 106 7.60 0.27 9.06
CA PRO A 106 7.72 -0.86 8.13
C PRO A 106 6.44 -1.16 7.34
N PHE A 107 6.61 -1.59 6.07
CA PHE A 107 5.46 -1.99 5.28
C PHE A 107 5.28 -3.50 5.23
N MET A 108 6.25 -4.24 5.81
CA MET A 108 6.18 -5.67 5.84
C MET A 108 7.08 -6.16 6.94
N SER A 109 6.64 -7.25 7.59
CA SER A 109 7.42 -7.92 8.65
C SER A 109 8.09 -9.15 8.06
N LEU A 110 9.22 -9.53 8.67
CA LEU A 110 9.99 -10.68 8.19
C LEU A 110 10.94 -11.10 9.30
N GLY A 111 11.50 -12.31 9.15
CA GLY A 111 12.60 -12.72 9.98
C GLY A 111 13.51 -13.62 9.18
N ILE A 112 14.77 -13.73 9.61
CA ILE A 112 15.66 -14.70 8.95
C ILE A 112 15.10 -16.13 9.12
N SER A 113 15.31 -16.97 8.12
CA SER A 113 14.68 -18.28 8.08
C SER A 113 15.58 -19.21 7.29
N ILE A 114 15.28 -20.51 7.36
CA ILE A 114 16.09 -21.53 6.69
C ILE A 114 15.35 -22.11 5.50
N MET A 115 16.01 -22.07 4.34
CA MET A 115 15.54 -22.78 3.13
C MET A 115 16.32 -24.06 2.91
N ILE A 116 15.59 -25.16 2.76
CA ILE A 116 16.25 -26.41 2.38
C ILE A 116 15.67 -26.95 1.08
N LYS A 117 16.45 -27.83 0.43
CA LYS A 117 15.92 -28.71 -0.61
C LYS A 117 15.01 -29.73 0.13
N LYS A 118 13.81 -30.03 -0.39
CA LYS A 118 12.88 -30.92 0.32
C LYS A 118 13.62 -32.24 0.64
N GLY A 119 13.43 -32.73 1.85
CA GLY A 119 14.01 -34.01 2.28
C GLY A 119 15.31 -33.85 3.05
N THR A 120 15.85 -32.63 3.06
CA THR A 120 17.05 -32.35 3.84
C THR A 120 16.74 -32.56 5.33
N PRO A 121 17.54 -33.39 6.04
CA PRO A 121 17.29 -33.69 7.46
C PRO A 121 17.72 -32.54 8.41
N ILE A 122 17.05 -31.39 8.29
CA ILE A 122 17.31 -30.23 9.13
C ILE A 122 15.95 -29.66 9.46
N GLU A 123 15.76 -29.33 10.74
CA GLU A 123 14.48 -28.75 11.19
C GLU A 123 14.63 -27.38 11.86
N SER A 124 15.87 -26.97 12.11
CA SER A 124 16.15 -25.80 12.93
C SER A 124 17.57 -25.28 12.75
N ALA A 125 17.78 -24.07 13.23
CA ALA A 125 19.12 -23.48 13.28
C ALA A 125 20.04 -24.33 14.17
N GLU A 126 19.52 -24.76 15.31
CA GLU A 126 20.28 -25.65 16.19
C GLU A 126 20.77 -26.87 15.39
N ASP A 127 19.86 -27.51 14.66
CA ASP A 127 20.23 -28.65 13.78
C ASP A 127 21.43 -28.32 12.85
N LEU A 128 21.37 -27.19 12.15
CA LEU A 128 22.45 -26.75 11.26
C LEU A 128 23.76 -26.60 12.02
N SER A 129 23.67 -26.05 13.23
CA SER A 129 24.88 -25.73 14.00
C SER A 129 25.56 -26.99 14.55
N LYS A 130 24.81 -28.09 14.66
CA LYS A 130 25.26 -29.33 15.32
C LYS A 130 25.76 -30.40 14.35
N GLN A 131 26.05 -30.00 13.13
CA GLN A 131 26.42 -30.91 12.06
C GLN A 131 27.30 -30.24 11.00
N THR A 132 27.87 -31.05 10.12
CA THR A 132 28.89 -30.59 9.19
C THR A 132 28.61 -31.00 7.74
N GLU A 133 27.78 -32.03 7.55
CA GLU A 133 27.52 -32.58 6.22
C GLU A 133 26.91 -31.53 5.30
N ILE A 134 25.94 -30.80 5.85
CA ILE A 134 25.16 -29.85 5.05
C ILE A 134 25.73 -28.45 5.31
N ALA A 135 26.22 -27.82 4.26
CA ALA A 135 26.78 -26.49 4.30
C ALA A 135 25.63 -25.50 4.33
N TYR A 136 25.90 -24.29 4.77
CA TYR A 136 24.85 -23.29 4.80
C TYR A 136 25.46 -21.92 4.80
N GLY A 137 24.73 -20.96 4.24
CA GLY A 137 25.30 -19.64 4.04
C GLY A 137 24.21 -18.59 3.90
N THR A 138 24.61 -17.36 3.58
CA THR A 138 23.71 -16.19 3.49
C THR A 138 24.08 -15.36 2.26
N LEU A 139 23.26 -14.33 1.97
CA LEU A 139 23.59 -13.32 1.00
C LEU A 139 24.84 -12.59 1.54
N ASP A 140 25.81 -12.35 0.66
CA ASP A 140 27.15 -11.88 1.10
CA ASP A 140 27.14 -11.90 1.16
C ASP A 140 27.21 -10.44 1.64
N SER A 141 26.19 -9.61 1.30
CA SER A 141 26.23 -8.15 1.62
C SER A 141 24.90 -7.53 2.13
N GLY A 142 24.26 -8.19 3.08
CA GLY A 142 22.99 -7.66 3.60
C GLY A 142 22.82 -7.79 5.10
N SER A 143 21.57 -7.58 5.56
CA SER A 143 21.28 -7.65 6.95
C SER A 143 21.37 -9.04 7.52
N THR A 144 21.18 -10.10 6.70
CA THR A 144 21.23 -11.44 7.28
C THR A 144 22.69 -11.75 7.73
N LYS A 145 23.63 -11.42 6.85
CA LYS A 145 25.06 -11.70 7.15
C LYS A 145 25.43 -10.95 8.42
N GLU A 146 25.03 -9.68 8.49
CA GLU A 146 25.29 -8.83 9.69
C GLU A 146 24.71 -9.36 10.98
N PHE A 147 23.49 -9.92 10.94
CA PHE A 147 22.89 -10.57 12.07
C PHE A 147 23.82 -11.63 12.69
N PHE A 148 24.36 -12.48 11.82
CA PHE A 148 25.24 -13.54 12.26
C PHE A 148 26.58 -12.96 12.72
N ARG A 149 27.12 -12.02 11.96
CA ARG A 149 28.42 -11.41 12.32
C ARG A 149 28.37 -10.85 13.74
N ARG A 150 27.20 -10.33 14.13
CA ARG A 150 27.09 -9.60 15.41
C ARG A 150 26.47 -10.39 16.57
N SER A 151 25.86 -11.53 16.27
CA SER A 151 25.09 -12.27 17.27
C SER A 151 25.93 -12.80 18.43
N LYS A 152 25.43 -12.57 19.64
CA LYS A 152 26.04 -13.11 20.84
C LYS A 152 25.29 -14.35 21.34
N ILE A 153 24.24 -14.76 20.61
CA ILE A 153 23.50 -15.98 20.89
C ILE A 153 24.34 -17.18 20.46
N ALA A 154 24.46 -18.16 21.36
CA ALA A 154 25.36 -19.31 21.20
C ALA A 154 25.21 -20.06 19.86
N VAL A 155 23.98 -20.45 19.54
CA VAL A 155 23.71 -21.19 18.29
C VAL A 155 24.13 -20.35 17.07
N PHE A 156 23.75 -19.06 17.06
CA PHE A 156 24.03 -18.21 15.93
C PHE A 156 25.51 -17.83 15.83
N ASP A 157 26.15 -17.62 16.99
CA ASP A 157 27.61 -17.40 17.03
C ASP A 157 28.37 -18.62 16.47
N LYS A 158 27.96 -19.82 16.85
CA LYS A 158 28.52 -21.08 16.31
C LYS A 158 28.33 -21.18 14.81
N MET A 159 27.13 -20.83 14.34
CA MET A 159 26.88 -20.77 12.90
C MET A 159 27.78 -19.78 12.18
N TRP A 160 27.94 -18.58 12.73
CA TRP A 160 28.81 -17.58 12.13
C TRP A 160 30.27 -18.07 12.08
N THR A 161 30.74 -18.67 13.16
CA THR A 161 32.13 -19.16 13.19
C THR A 161 32.34 -20.17 12.06
N TYR A 162 31.38 -21.07 11.88
CA TYR A 162 31.43 -21.97 10.73
C TYR A 162 31.39 -21.19 9.40
N MET A 163 30.38 -20.33 9.21
CA MET A 163 30.23 -19.69 7.91
C MET A 163 31.40 -18.81 7.47
N ARG A 164 31.93 -17.98 8.38
CA ARG A 164 33.02 -17.07 8.04
C ARG A 164 34.26 -17.87 7.61
N SER A 165 34.41 -19.10 8.09
CA SER A 165 35.62 -19.87 7.77
C SER A 165 35.44 -21.01 6.75
N ALA A 166 34.21 -21.20 6.29
CA ALA A 166 33.94 -22.28 5.34
C ALA A 166 34.53 -22.06 3.95
N GLU A 167 35.09 -23.12 3.40
CA GLU A 167 35.65 -23.12 2.05
C GLU A 167 35.14 -24.33 1.28
N PRO A 168 34.72 -24.13 0.02
CA PRO A 168 34.63 -22.81 -0.61
C PRO A 168 33.55 -21.94 0.02
N SER A 169 33.51 -20.68 -0.36
CA SER A 169 32.62 -19.70 0.27
C SER A 169 31.17 -20.19 0.29
N VAL A 170 30.53 -20.05 1.44
CA VAL A 170 29.08 -20.35 1.56
C VAL A 170 28.19 -19.12 1.30
N PHE A 171 28.81 -17.96 1.08
CA PHE A 171 28.09 -16.72 0.80
C PHE A 171 27.78 -16.58 -0.69
N VAL A 172 26.65 -15.96 -1.00
CA VAL A 172 26.24 -15.75 -2.40
C VAL A 172 26.01 -14.30 -2.78
N ARG A 173 26.09 -13.98 -4.08
CA ARG A 173 26.02 -12.57 -4.51
C ARG A 173 24.58 -12.06 -4.56
N THR A 174 23.66 -12.97 -4.91
CA THR A 174 22.23 -12.64 -5.03
C THR A 174 21.39 -13.77 -4.42
N THR A 175 20.16 -13.39 -4.08
CA THR A 175 19.20 -14.36 -3.61
C THR A 175 19.00 -15.51 -4.57
N ALA A 176 18.84 -15.20 -5.87
CA ALA A 176 18.72 -16.21 -6.92
C ALA A 176 19.89 -17.17 -6.89
N GLU A 177 21.10 -16.66 -6.65
CA GLU A 177 22.26 -17.56 -6.60
C GLU A 177 22.15 -18.57 -5.42
N GLY A 178 21.66 -18.11 -4.27
CA GLY A 178 21.47 -18.95 -3.08
C GLY A 178 20.42 -20.04 -3.35
N VAL A 179 19.33 -19.63 -3.97
CA VAL A 179 18.23 -20.57 -4.30
C VAL A 179 18.70 -21.63 -5.28
N ALA A 180 19.36 -21.19 -6.35
CA ALA A 180 19.97 -22.14 -7.30
C ALA A 180 20.92 -23.14 -6.62
N ARG A 181 21.71 -22.66 -5.63
CA ARG A 181 22.65 -23.52 -4.93
C ARG A 181 21.94 -24.57 -4.08
N VAL A 182 20.89 -24.16 -3.39
CA VAL A 182 20.10 -25.17 -2.67
C VAL A 182 19.56 -26.21 -3.67
N ARG A 183 19.04 -25.76 -4.81
CA ARG A 183 18.34 -26.67 -5.74
C ARG A 183 19.27 -27.67 -6.40
N LYS A 184 20.50 -27.24 -6.66
CA LYS A 184 21.48 -28.09 -7.35
C LYS A 184 22.37 -28.93 -6.41
N SER A 185 22.29 -28.71 -5.11
CA SER A 185 23.26 -29.29 -4.19
C SER A 185 22.83 -30.62 -3.49
N LYS A 186 21.71 -31.20 -3.95
CA LYS A 186 21.21 -32.52 -3.50
C LYS A 186 21.04 -32.63 -1.99
N GLY A 187 20.67 -31.50 -1.37
CA GLY A 187 20.42 -31.52 0.06
C GLY A 187 21.61 -31.14 0.90
N LYS A 188 22.73 -30.83 0.24
CA LYS A 188 23.97 -30.57 0.97
C LYS A 188 24.27 -29.08 1.10
N TYR A 189 23.32 -28.24 0.70
CA TYR A 189 23.42 -26.80 1.04
C TYR A 189 22.05 -26.30 1.45
N ALA A 190 22.02 -25.53 2.56
CA ALA A 190 20.81 -24.85 3.05
C ALA A 190 21.11 -23.36 3.03
N TYR A 191 20.09 -22.56 2.76
CA TYR A 191 20.30 -21.15 2.56
C TYR A 191 19.53 -20.36 3.63
N LEU A 192 20.23 -19.42 4.27
CA LEU A 192 19.64 -18.54 5.28
C LEU A 192 19.23 -17.23 4.63
N LEU A 193 17.90 -16.97 4.59
CA LEU A 193 17.40 -15.79 3.91
C LEU A 193 16.09 -15.35 4.56
N GLU A 194 15.59 -14.18 4.16
CA GLU A 194 14.42 -13.62 4.82
C GLU A 194 13.17 -14.43 4.50
N SER A 195 12.31 -14.58 5.52
CA SER A 195 11.07 -15.39 5.46
C SER A 195 10.23 -15.03 4.24
N THR A 196 10.14 -13.74 3.94
CA THR A 196 9.41 -13.22 2.76
C THR A 196 9.86 -13.85 1.44
N MET A 197 11.18 -13.85 1.20
CA MET A 197 11.69 -14.42 -0.03
CA MET A 197 11.72 -14.44 -0.03
C MET A 197 11.57 -15.95 0.03
N ASN A 198 11.81 -16.51 1.23
CA ASN A 198 11.74 -17.97 1.45
C ASN A 198 10.33 -18.46 1.08
N GLU A 199 9.34 -17.79 1.67
CA GLU A 199 7.95 -18.17 1.44
C GLU A 199 7.49 -17.96 -0.01
N TYR A 200 8.02 -16.93 -0.68
CA TYR A 200 7.76 -16.75 -2.11
C TYR A 200 8.28 -17.94 -2.91
N ILE A 201 9.55 -18.28 -2.70
CA ILE A 201 10.19 -19.32 -3.52
C ILE A 201 9.52 -20.72 -3.28
N GLU A 202 9.02 -20.93 -2.07
CA GLU A 202 8.36 -22.19 -1.68
C GLU A 202 7.09 -22.42 -2.53
N GLN A 203 6.54 -21.31 -3.07
CA GLN A 203 5.35 -21.36 -3.95
C GLN A 203 5.68 -21.21 -5.44
N ARG A 204 6.94 -21.43 -5.80
CA ARG A 204 7.34 -21.37 -7.20
C ARG A 204 7.82 -22.74 -7.69
N LYS A 205 7.42 -23.08 -8.90
CA LYS A 205 8.00 -24.23 -9.59
C LYS A 205 9.53 -24.12 -9.61
N PRO A 206 10.25 -25.26 -9.48
CA PRO A 206 9.72 -26.62 -9.45
C PRO A 206 9.28 -27.16 -8.08
N CYS A 207 8.94 -26.27 -7.14
CA CYS A 207 8.35 -26.67 -5.87
C CYS A 207 9.22 -27.66 -5.10
N ASP A 208 10.52 -27.42 -5.10
CA ASP A 208 11.48 -28.37 -4.51
C ASP A 208 12.21 -27.82 -3.26
N THR A 209 11.80 -26.65 -2.80
CA THR A 209 12.36 -26.07 -1.57
C THR A 209 11.30 -25.85 -0.52
N MET A 210 11.73 -25.69 0.71
CA MET A 210 10.83 -25.52 1.81
C MET A 210 11.46 -24.66 2.87
N LYS A 211 10.63 -23.82 3.49
CA LYS A 211 11.02 -23.12 4.72
C LYS A 211 10.89 -24.09 5.88
N VAL A 212 11.94 -24.20 6.70
CA VAL A 212 11.87 -25.03 7.91
C VAL A 212 12.18 -24.26 9.20
N GLY A 213 11.45 -24.63 10.25
CA GLY A 213 11.65 -24.05 11.56
C GLY A 213 11.06 -22.65 11.66
N GLY A 214 11.26 -22.03 12.81
CA GLY A 214 10.69 -20.71 13.05
C GLY A 214 11.66 -19.67 12.53
N ASN A 215 11.25 -18.42 12.52
CA ASN A 215 12.19 -17.37 12.19
C ASN A 215 13.19 -17.16 13.33
N LEU A 216 14.39 -16.72 12.97
CA LEU A 216 15.47 -16.52 13.92
C LEU A 216 15.40 -15.17 14.60
N ASP A 217 14.72 -14.21 13.95
CA ASP A 217 14.63 -12.84 14.47
C ASP A 217 13.35 -12.21 13.91
N SER A 218 13.10 -10.94 14.24
CA SER A 218 11.90 -10.25 13.83
C SER A 218 12.30 -8.84 13.43
N LYS A 219 11.94 -8.43 12.23
CA LYS A 219 12.27 -7.08 11.81
C LYS A 219 11.32 -6.62 10.71
N GLY A 220 11.68 -5.55 10.02
CA GLY A 220 10.74 -5.01 9.03
C GLY A 220 11.51 -4.44 7.85
N TYR A 221 10.81 -4.30 6.71
CA TYR A 221 11.31 -3.49 5.58
C TYR A 221 10.69 -2.12 5.65
N GLY A 222 11.50 -1.11 5.37
CA GLY A 222 11.01 0.28 5.40
C GLY A 222 11.36 0.99 4.11
N ILE A 223 10.60 2.03 3.79
CA ILE A 223 10.92 2.93 2.69
CA ILE A 223 10.95 2.91 2.67
C ILE A 223 11.96 3.90 3.18
N ALA A 224 13.08 3.99 2.48
CA ALA A 224 14.21 4.81 2.97
C ALA A 224 14.38 6.10 2.17
N THR A 225 14.81 7.14 2.87
CA THR A 225 15.09 8.45 2.27
C THR A 225 16.42 8.97 2.87
N PRO A 226 17.12 9.87 2.14
CA PRO A 226 18.33 10.49 2.72
C PRO A 226 17.96 11.26 3.99
N LYS A 227 18.87 11.26 4.95
CA LYS A 227 18.60 11.88 6.25
C LYS A 227 18.17 13.35 5.98
N GLY A 228 17.14 13.81 6.70
CA GLY A 228 16.63 15.17 6.47
C GLY A 228 15.75 15.45 5.26
N SER A 229 15.61 14.48 4.33
CA SER A 229 14.77 14.66 3.13
C SER A 229 13.36 15.21 3.47
N SER A 230 12.86 16.10 2.61
CA SER A 230 11.50 16.64 2.68
C SER A 230 10.38 15.63 2.39
N LEU A 231 10.76 14.45 1.90
CA LEU A 231 9.79 13.37 1.57
C LEU A 231 9.45 12.47 2.75
N GLY A 232 10.33 12.41 3.77
CA GLY A 232 10.18 11.40 4.80
C GLY A 232 8.84 11.38 5.52
N ASN A 233 8.40 12.55 5.99
CA ASN A 233 7.11 12.64 6.69
C ASN A 233 5.93 12.09 5.86
N ALA A 234 5.76 12.62 4.64
CA ALA A 234 4.64 12.22 3.78
C ALA A 234 4.70 10.72 3.45
N VAL A 235 5.91 10.26 3.14
CA VAL A 235 6.07 8.84 2.82
C VAL A 235 5.65 7.98 4.01
N ASN A 236 6.02 8.39 5.22
CA ASN A 236 5.64 7.62 6.40
C ASN A 236 4.13 7.57 6.58
N LEU A 237 3.48 8.73 6.45
CA LEU A 237 2.05 8.79 6.58
C LEU A 237 1.35 7.95 5.52
N ALA A 238 1.92 7.91 4.31
CA ALA A 238 1.33 7.12 3.23
C ALA A 238 1.39 5.62 3.53
N VAL A 239 2.52 5.13 4.04
CA VAL A 239 2.65 3.74 4.43
C VAL A 239 1.55 3.37 5.47
N LEU A 240 1.38 4.20 6.46
CA LEU A 240 0.35 3.95 7.49
C LEU A 240 -1.07 3.94 6.90
N LYS A 241 -1.35 4.90 6.04
CA LYS A 241 -2.65 4.98 5.37
C LYS A 241 -2.91 3.72 4.54
N LEU A 242 -1.91 3.33 3.74
CA LEU A 242 -2.05 2.19 2.84
C LEU A 242 -2.20 0.87 3.61
N ASN A 243 -1.53 0.78 4.75
CA ASN A 243 -1.71 -0.40 5.58
C ASN A 243 -3.16 -0.47 6.12
N GLU A 244 -3.61 0.68 6.62
CA GLU A 244 -4.91 0.76 7.28
C GLU A 244 -6.07 0.57 6.31
N GLN A 245 -5.84 0.95 5.05
CA GLN A 245 -6.81 0.79 3.95
C GLN A 245 -6.74 -0.61 3.33
N GLY A 246 -5.90 -1.48 3.90
CA GLY A 246 -5.75 -2.88 3.48
C GLY A 246 -4.93 -3.11 2.21
N LEU A 247 -4.34 -2.06 1.64
CA LEU A 247 -3.54 -2.20 0.41
C LEU A 247 -2.35 -3.15 0.58
N LEU A 248 -1.64 -3.05 1.71
CA LEU A 248 -0.44 -3.88 1.84
C LEU A 248 -0.75 -5.38 1.87
N ASP A 249 -1.83 -5.74 2.57
CA ASP A 249 -2.29 -7.15 2.61
C ASP A 249 -2.73 -7.63 1.23
N LYS A 250 -3.45 -6.79 0.51
CA LYS A 250 -3.82 -7.04 -0.89
C LYS A 250 -2.61 -7.30 -1.81
N LEU A 251 -1.60 -6.43 -1.72
CA LEU A 251 -0.37 -6.59 -2.51
C LEU A 251 0.40 -7.85 -2.15
N LYS A 252 0.42 -8.20 -0.87
CA LYS A 252 1.13 -9.40 -0.44
C LYS A 252 0.46 -10.61 -1.09
N ASN A 253 -0.88 -10.62 -1.04
CA ASN A 253 -1.61 -11.76 -1.57
C ASN A 253 -1.47 -11.88 -3.08
N LYS A 254 -1.47 -10.73 -3.75
CA LYS A 254 -1.32 -10.65 -5.18
C LYS A 254 0.01 -11.27 -5.62
N TRP A 255 1.08 -10.95 -4.89
CA TRP A 255 2.40 -11.30 -5.40
C TRP A 255 2.96 -12.59 -4.82
N TRP A 256 2.38 -13.09 -3.73
CA TRP A 256 2.91 -14.30 -3.09
C TRP A 256 2.11 -15.54 -3.45
N TYR A 257 0.80 -15.37 -3.28
CA TYR A 257 -0.12 -16.49 -3.12
C TYR A 257 -1.09 -16.56 -4.27
N ASP A 258 -1.57 -15.41 -4.77
CA ASP A 258 -2.38 -15.46 -5.99
C ASP A 258 -1.57 -16.06 -7.16
N LYS A 259 -0.27 -15.79 -7.19
CA LYS A 259 0.61 -16.32 -8.25
C LYS A 259 1.41 -17.61 -7.85
N GLY A 260 0.99 -18.23 -6.75
CA GLY A 260 1.56 -19.53 -6.34
C GLY A 260 1.42 -20.58 -7.44
N GLU A 261 2.50 -21.35 -7.66
CA GLU A 261 2.51 -22.41 -8.70
C GLU A 261 2.51 -23.85 -8.12
N CYS A 262 2.52 -23.97 -6.78
CA CYS A 262 2.69 -25.22 -6.10
C CYS A 262 1.38 -25.67 -5.47
N ASN B 4 -2.79 35.50 -41.33
CA ASN B 4 -3.21 34.05 -41.39
C ASN B 4 -2.17 33.11 -40.79
N LYS B 5 -2.26 32.86 -39.49
CA LYS B 5 -1.29 31.96 -38.90
C LYS B 5 -1.75 30.50 -39.04
N THR B 6 -0.80 29.59 -39.09
CA THR B 6 -1.08 28.15 -39.04
C THR B 6 -1.71 27.88 -37.68
N VAL B 7 -2.87 27.23 -37.71
CA VAL B 7 -3.60 26.97 -36.48
C VAL B 7 -2.99 25.76 -35.77
N VAL B 8 -2.71 25.87 -34.46
CA VAL B 8 -2.16 24.76 -33.69
C VAL B 8 -3.36 24.01 -33.11
N VAL B 9 -3.54 22.77 -33.53
CA VAL B 9 -4.67 21.95 -33.07
C VAL B 9 -4.12 21.07 -31.96
N THR B 10 -4.73 21.11 -30.78
CA THR B 10 -4.40 20.12 -29.74
C THR B 10 -5.38 18.97 -29.81
N THR B 11 -4.85 17.74 -29.70
CA THR B 11 -5.72 16.56 -29.66
C THR B 11 -5.05 15.48 -28.80
N ILE B 12 -5.64 14.28 -28.78
CA ILE B 12 -5.18 13.29 -27.81
C ILE B 12 -5.17 11.95 -28.53
N LEU B 13 -4.21 11.08 -28.18
CA LEU B 13 -4.12 9.79 -28.79
C LEU B 13 -5.19 8.93 -28.14
N GLU B 14 -6.26 8.69 -28.86
CA GLU B 14 -7.44 8.02 -28.33
C GLU B 14 -8.18 7.34 -29.48
N SER B 15 -8.25 6.00 -29.49
CA SER B 15 -8.87 5.29 -30.61
C SER B 15 -10.39 5.35 -30.56
N PRO B 16 -11.06 5.47 -31.74
CA PRO B 16 -10.59 5.62 -33.12
C PRO B 16 -10.51 7.10 -33.53
N TYR B 17 -10.32 8.00 -32.57
CA TYR B 17 -10.31 9.43 -32.87
C TYR B 17 -8.99 9.92 -33.49
N VAL B 18 -7.90 9.57 -32.84
CA VAL B 18 -6.56 9.96 -33.33
C VAL B 18 -5.64 8.81 -32.95
N MET B 19 -5.02 8.26 -33.99
CA MET B 19 -4.11 7.12 -33.86
C MET B 19 -2.89 7.31 -34.72
N MET B 20 -1.76 6.85 -34.22
CA MET B 20 -0.54 6.83 -34.98
C MET B 20 -0.65 5.72 -36.04
N LYS B 21 -0.54 6.10 -37.31
CA LYS B 21 -0.55 5.11 -38.39
C LYS B 21 0.65 4.17 -38.19
N LYS B 22 0.41 2.88 -38.43
CA LYS B 22 1.46 1.87 -38.35
C LYS B 22 2.71 2.36 -39.11
N ASN B 23 3.84 2.29 -38.40
CA ASN B 23 5.17 2.63 -38.93
C ASN B 23 5.40 4.08 -39.34
N HIS B 24 4.65 5.01 -38.74
CA HIS B 24 4.78 6.42 -39.11
C HIS B 24 5.45 7.26 -38.02
N GLU B 25 5.96 6.63 -36.98
CA GLU B 25 6.51 7.35 -35.83
C GLU B 25 7.57 8.41 -36.21
N MET B 26 8.27 8.19 -37.34
CA MET B 26 9.42 9.02 -37.73
C MET B 26 9.17 9.93 -38.92
N LEU B 27 7.98 9.82 -39.50
CA LEU B 27 7.55 10.76 -40.51
C LEU B 27 7.20 12.08 -39.84
N GLU B 28 6.75 13.06 -40.61
CA GLU B 28 6.45 14.37 -40.03
C GLU B 28 5.11 14.98 -40.45
N GLY B 29 4.61 15.82 -39.56
CA GLY B 29 3.41 16.50 -39.83
C GLY B 29 2.18 15.62 -39.74
N ASN B 30 1.12 16.18 -40.28
CA ASN B 30 -0.23 15.70 -40.07
C ASN B 30 -0.46 14.30 -40.60
N GLU B 31 0.31 13.91 -41.62
CA GLU B 31 0.12 12.59 -42.25
C GLU B 31 0.41 11.38 -41.35
N ARG B 32 1.03 11.59 -40.20
CA ARG B 32 1.36 10.50 -39.26
C ARG B 32 0.12 9.91 -38.66
N TYR B 33 -0.93 10.73 -38.59
CA TYR B 33 -2.12 10.36 -37.81
C TYR B 33 -3.34 10.00 -38.67
N GLU B 34 -4.18 9.15 -38.09
CA GLU B 34 -5.45 8.77 -38.67
C GLU B 34 -6.54 8.71 -37.63
N GLY B 35 -7.78 8.80 -38.08
CA GLY B 35 -8.93 8.63 -37.17
C GLY B 35 -10.04 9.61 -37.39
N TYR B 36 -11.09 9.44 -36.62
CA TYR B 36 -12.28 10.24 -36.79
C TYR B 36 -11.95 11.73 -36.64
N CYS B 37 -11.16 12.07 -35.63
CA CYS B 37 -10.87 13.50 -35.39
C CYS B 37 -9.82 14.06 -36.36
N VAL B 38 -9.01 13.18 -36.92
CA VAL B 38 -8.11 13.58 -38.01
C VAL B 38 -8.90 13.98 -39.23
N ASP B 39 -9.87 13.14 -39.61
CA ASP B 39 -10.78 13.49 -40.70
C ASP B 39 -11.63 14.73 -40.41
N LEU B 40 -12.11 14.84 -39.18
CA LEU B 40 -12.92 16.00 -38.80
C LEU B 40 -12.09 17.27 -38.91
N ALA B 41 -10.83 17.23 -38.43
CA ALA B 41 -9.96 18.43 -38.48
C ALA B 41 -9.76 18.87 -39.92
N ALA B 42 -9.52 17.91 -40.81
CA ALA B 42 -9.39 18.28 -42.24
C ALA B 42 -10.61 18.98 -42.80
N GLU B 43 -11.80 18.44 -42.48
CA GLU B 43 -13.05 19.06 -42.90
C GLU B 43 -13.28 20.46 -42.30
N ILE B 44 -13.09 20.61 -41.00
CA ILE B 44 -13.26 21.93 -40.38
C ILE B 44 -12.31 22.98 -40.97
N ALA B 45 -11.04 22.59 -41.09
CA ALA B 45 -10.00 23.46 -41.67
C ALA B 45 -10.37 23.86 -43.11
N LYS B 46 -10.92 22.92 -43.87
CA LYS B 46 -11.31 23.20 -45.27
C LYS B 46 -12.48 24.18 -45.30
N HIS B 47 -13.52 23.90 -44.50
CA HIS B 47 -14.68 24.79 -44.40
C HIS B 47 -14.41 26.18 -43.86
N CYS B 48 -13.46 26.30 -42.93
CA CYS B 48 -13.12 27.55 -42.27
C CYS B 48 -11.97 28.29 -42.96
N GLY B 49 -11.32 27.62 -43.91
CA GLY B 49 -10.16 28.17 -44.63
C GLY B 49 -8.89 28.43 -43.84
N PHE B 50 -8.46 27.45 -43.04
CA PHE B 50 -7.20 27.63 -42.34
C PHE B 50 -6.28 26.44 -42.56
N LYS B 51 -4.98 26.71 -42.45
CA LYS B 51 -3.97 25.66 -42.45
C LYS B 51 -3.73 25.29 -40.97
N TYR B 52 -3.31 24.05 -40.71
CA TYR B 52 -3.22 23.64 -39.32
C TYR B 52 -2.14 22.58 -39.09
N LYS B 53 -1.69 22.52 -37.84
CA LYS B 53 -0.74 21.53 -37.38
C LYS B 53 -1.38 20.71 -36.25
N LEU B 54 -1.48 19.39 -36.45
CA LEU B 54 -1.92 18.50 -35.39
C LEU B 54 -0.85 18.30 -34.34
N THR B 55 -1.18 18.54 -33.08
CA THR B 55 -0.23 18.30 -32.00
C THR B 55 -0.90 17.46 -30.94
N ILE B 56 -0.15 16.55 -30.32
CA ILE B 56 -0.71 15.76 -29.25
C ILE B 56 -0.45 16.44 -27.93
N VAL B 57 -1.52 16.63 -27.19
CA VAL B 57 -1.49 17.25 -25.85
C VAL B 57 -0.32 16.75 -24.98
N GLY B 58 0.52 17.69 -24.53
CA GLY B 58 1.78 17.31 -23.84
C GLY B 58 1.64 16.39 -22.65
N ASP B 59 0.60 16.57 -21.84
CA ASP B 59 0.44 15.83 -20.61
C ASP B 59 -0.50 14.63 -20.77
N GLY B 60 -0.97 14.45 -22.00
CA GLY B 60 -1.83 13.32 -22.35
C GLY B 60 -3.18 13.31 -21.67
N LYS B 61 -3.67 14.50 -21.24
CA LYS B 61 -4.92 14.58 -20.44
C LYS B 61 -6.00 15.40 -21.16
N TYR B 62 -7.26 15.13 -20.80
CA TYR B 62 -8.39 15.88 -21.38
C TYR B 62 -8.47 17.27 -20.81
N GLY B 63 -8.60 17.34 -19.49
CA GLY B 63 -8.58 18.65 -18.85
C GLY B 63 -9.41 18.74 -17.60
N ALA B 64 -8.73 19.17 -16.52
CA ALA B 64 -9.39 19.37 -15.23
C ALA B 64 -8.64 20.50 -14.54
N ARG B 65 -9.31 21.19 -13.63
CA ARG B 65 -8.72 22.29 -12.86
C ARG B 65 -8.26 21.69 -11.52
N ASP B 66 -7.00 21.86 -11.19
CA ASP B 66 -6.47 21.45 -9.86
C ASP B 66 -7.12 22.28 -8.76
N ALA B 67 -7.66 21.62 -7.72
CA ALA B 67 -8.38 22.33 -6.65
C ALA B 67 -7.49 23.24 -5.80
N ASP B 68 -6.26 22.80 -5.58
CA ASP B 68 -5.25 23.56 -4.83
C ASP B 68 -4.76 24.74 -5.68
N THR B 69 -4.11 24.43 -6.80
CA THR B 69 -3.44 25.43 -7.64
C THR B 69 -4.38 26.22 -8.59
N LYS B 70 -5.52 25.61 -8.90
CA LYS B 70 -6.54 26.23 -9.77
C LYS B 70 -6.07 26.29 -11.23
N ILE B 71 -4.99 25.55 -11.53
CA ILE B 71 -4.40 25.51 -12.88
C ILE B 71 -5.07 24.39 -13.70
N TRP B 72 -5.46 24.72 -14.93
CA TRP B 72 -6.04 23.71 -15.83
C TRP B 72 -4.96 22.90 -16.53
N ASN B 73 -5.15 21.57 -16.60
CA ASN B 73 -4.22 20.73 -17.31
C ASN B 73 -4.87 20.23 -18.62
N GLY B 74 -4.18 19.31 -19.29
CA GLY B 74 -4.71 18.72 -20.51
C GLY B 74 -4.98 19.66 -21.68
N MET B 75 -5.82 19.20 -22.61
CA MET B 75 -6.20 20.03 -23.77
C MET B 75 -6.85 21.34 -23.34
N VAL B 76 -7.66 21.29 -22.27
CA VAL B 76 -8.38 22.49 -21.85
C VAL B 76 -7.31 23.52 -21.44
N GLY B 77 -6.34 23.06 -20.64
CA GLY B 77 -5.22 23.92 -20.23
C GLY B 77 -4.45 24.47 -21.41
N GLU B 78 -4.19 23.64 -22.42
CA GLU B 78 -3.51 24.18 -23.60
C GLU B 78 -4.26 25.34 -24.26
N LEU B 79 -5.58 25.29 -24.28
CA LEU B 79 -6.36 26.40 -24.80
C LEU B 79 -6.33 27.60 -23.86
N VAL B 80 -6.54 27.34 -22.59
CA VAL B 80 -6.67 28.40 -21.57
C VAL B 80 -5.36 29.22 -21.53
N TYR B 81 -4.23 28.57 -21.65
CA TYR B 81 -2.90 29.24 -21.54
C TYR B 81 -2.28 29.70 -22.88
N GLY B 82 -3.04 29.51 -23.96
CA GLY B 82 -2.61 29.96 -25.28
C GLY B 82 -1.55 29.11 -25.96
N LYS B 83 -1.42 27.85 -25.55
CA LYS B 83 -0.46 26.93 -26.16
C LYS B 83 -1.01 26.29 -27.45
N ALA B 84 -2.35 26.23 -27.56
CA ALA B 84 -3.02 25.75 -28.79
C ALA B 84 -4.17 26.68 -29.14
N ASP B 85 -4.61 26.64 -30.40
CA ASP B 85 -5.63 27.53 -30.95
C ASP B 85 -7.01 26.89 -30.98
N ILE B 86 -7.01 25.57 -30.97
CA ILE B 86 -8.25 24.80 -31.09
C ILE B 86 -7.98 23.38 -30.60
N ALA B 87 -9.01 22.74 -30.03
CA ALA B 87 -8.91 21.30 -29.62
C ALA B 87 -9.93 20.57 -30.46
N ILE B 88 -9.47 19.54 -31.18
CA ILE B 88 -10.38 18.75 -31.99
C ILE B 88 -10.15 17.32 -31.54
N ALA B 89 -11.05 16.84 -30.67
CA ALA B 89 -10.80 15.60 -29.88
C ALA B 89 -12.16 15.16 -29.31
N PRO B 90 -12.22 13.96 -28.72
CA PRO B 90 -13.44 13.52 -27.98
C PRO B 90 -13.49 14.24 -26.62
N LEU B 91 -13.66 15.55 -26.67
CA LEU B 91 -13.60 16.43 -25.50
C LEU B 91 -15.05 16.76 -25.09
N THR B 92 -15.42 16.33 -23.89
CA THR B 92 -16.79 16.43 -23.43
C THR B 92 -17.17 17.89 -23.06
N ILE B 93 -18.31 18.31 -23.59
CA ILE B 93 -18.84 19.61 -23.22
C ILE B 93 -19.40 19.52 -21.79
N THR B 94 -18.86 20.37 -20.91
CA THR B 94 -19.29 20.44 -19.52
C THR B 94 -19.39 21.91 -19.10
N LEU B 95 -20.27 22.18 -18.12
CA LEU B 95 -20.38 23.52 -17.53
C LEU B 95 -19.04 24.09 -17.10
N VAL B 96 -18.29 23.33 -16.28
CA VAL B 96 -17.05 23.94 -15.77
C VAL B 96 -16.06 24.28 -16.88
N ARG B 97 -16.06 23.48 -17.98
CA ARG B 97 -15.22 23.83 -19.12
C ARG B 97 -15.76 25.02 -19.91
N GLU B 98 -17.08 25.04 -20.10
CA GLU B 98 -17.72 26.09 -20.90
C GLU B 98 -17.55 27.45 -20.27
N GLU B 99 -17.33 27.46 -18.95
CA GLU B 99 -17.03 28.70 -18.25
C GLU B 99 -15.68 29.26 -18.62
N VAL B 100 -14.73 28.43 -19.09
CA VAL B 100 -13.37 28.93 -19.41
C VAL B 100 -12.94 28.84 -20.86
N ILE B 101 -13.58 27.96 -21.63
CA ILE B 101 -13.31 27.88 -23.07
C ILE B 101 -14.67 27.86 -23.80
N ASP B 102 -14.64 28.05 -25.13
CA ASP B 102 -15.85 27.98 -25.96
C ASP B 102 -15.97 26.61 -26.61
N PHE B 103 -17.20 26.10 -26.73
CA PHE B 103 -17.39 24.82 -27.49
C PHE B 103 -18.36 25.07 -28.64
N SER B 104 -18.09 24.42 -29.75
CA SER B 104 -19.05 24.33 -30.86
C SER B 104 -20.24 23.53 -30.38
N LYS B 105 -21.32 23.56 -31.20
CA LYS B 105 -22.35 22.54 -31.05
C LYS B 105 -21.66 21.16 -31.13
N PRO B 106 -22.23 20.16 -30.44
CA PRO B 106 -21.60 18.82 -30.38
C PRO B 106 -21.60 18.13 -31.75
N PHE B 107 -20.51 17.42 -32.04
CA PHE B 107 -20.45 16.65 -33.28
C PHE B 107 -20.74 15.15 -33.04
N MET B 108 -20.93 14.74 -31.77
CA MET B 108 -21.24 13.37 -31.45
C MET B 108 -21.90 13.33 -30.09
N SER B 109 -22.87 12.45 -29.93
CA SER B 109 -23.46 12.20 -28.60
C SER B 109 -22.84 10.96 -27.95
N LEU B 110 -22.92 10.91 -26.62
CA LEU B 110 -22.39 9.77 -25.85
C LEU B 110 -22.96 9.82 -24.47
N GLY B 111 -22.70 8.76 -23.70
CA GLY B 111 -23.02 8.79 -22.28
C GLY B 111 -22.05 7.86 -21.58
N ILE B 112 -21.91 8.06 -20.28
CA ILE B 112 -21.06 7.14 -19.48
C ILE B 112 -21.68 5.73 -19.55
N SER B 113 -20.82 4.69 -19.63
CA SER B 113 -21.30 3.31 -19.79
C SER B 113 -20.34 2.37 -19.04
N ILE B 114 -20.73 1.09 -18.97
CA ILE B 114 -19.91 0.08 -18.20
C ILE B 114 -19.30 -0.86 -19.19
N MET B 115 -17.98 -1.05 -19.07
CA MET B 115 -17.29 -2.08 -19.82
C MET B 115 -16.95 -3.23 -18.87
N ILE B 116 -17.34 -4.45 -19.24
CA ILE B 116 -16.90 -5.65 -18.51
C ILE B 116 -16.12 -6.61 -19.39
N LYS B 117 -15.27 -7.43 -18.76
CA LYS B 117 -14.77 -8.60 -19.44
C LYS B 117 -15.95 -9.56 -19.64
N LYS B 118 -16.06 -10.17 -20.81
CA LYS B 118 -17.20 -11.09 -21.05
C LYS B 118 -17.36 -12.14 -19.92
N GLY B 119 -18.61 -12.32 -19.47
CA GLY B 119 -18.94 -13.28 -18.40
C GLY B 119 -19.02 -12.69 -17.00
N THR B 120 -18.55 -11.45 -16.86
CA THR B 120 -18.64 -10.78 -15.54
C THR B 120 -20.12 -10.65 -15.14
N PRO B 121 -20.50 -11.09 -13.92
CA PRO B 121 -21.92 -11.02 -13.46
C PRO B 121 -22.32 -9.60 -12.99
N ILE B 122 -22.43 -8.70 -13.96
CA ILE B 122 -22.81 -7.32 -13.70
C ILE B 122 -23.62 -6.91 -14.93
N GLU B 123 -24.77 -6.30 -14.71
CA GLU B 123 -25.56 -5.76 -15.85
C GLU B 123 -25.96 -4.30 -15.72
N SER B 124 -25.54 -3.66 -14.63
CA SER B 124 -25.92 -2.29 -14.38
C SER B 124 -25.04 -1.61 -13.35
N ALA B 125 -25.15 -0.29 -13.29
CA ALA B 125 -24.45 0.48 -12.25
C ALA B 125 -24.97 0.10 -10.89
N GLU B 126 -26.29 -0.08 -10.77
CA GLU B 126 -26.85 -0.56 -9.52
C GLU B 126 -26.14 -1.84 -9.06
N ASP B 127 -25.96 -2.80 -9.97
CA ASP B 127 -25.28 -4.05 -9.66
C ASP B 127 -23.86 -3.78 -9.11
N LEU B 128 -23.11 -2.90 -9.78
CA LEU B 128 -21.75 -2.60 -9.32
C LEU B 128 -21.83 -2.07 -7.89
N SER B 129 -22.79 -1.18 -7.66
CA SER B 129 -22.84 -0.43 -6.41
C SER B 129 -23.20 -1.32 -5.20
N LYS B 130 -23.84 -2.46 -5.44
CA LYS B 130 -24.38 -3.35 -4.40
C LYS B 130 -23.48 -4.53 -4.10
N GLN B 131 -22.24 -4.46 -4.57
CA GLN B 131 -21.27 -5.54 -4.38
C GLN B 131 -19.87 -4.97 -4.21
N THR B 132 -18.94 -5.84 -3.78
CA THR B 132 -17.58 -5.46 -3.43
CA THR B 132 -17.57 -5.41 -3.52
C THR B 132 -16.49 -6.34 -4.11
N GLU B 133 -16.88 -7.47 -4.65
CA GLU B 133 -15.90 -8.41 -5.22
C GLU B 133 -15.21 -7.82 -6.47
N ILE B 134 -15.99 -7.07 -7.23
CA ILE B 134 -15.53 -6.57 -8.54
C ILE B 134 -15.27 -5.08 -8.35
N ALA B 135 -14.01 -4.68 -8.53
CA ALA B 135 -13.59 -3.29 -8.44
C ALA B 135 -14.04 -2.55 -9.73
N TYR B 136 -14.14 -1.22 -9.66
CA TYR B 136 -14.49 -0.44 -10.85
C TYR B 136 -14.00 0.98 -10.69
N GLY B 137 -13.62 1.57 -11.82
CA GLY B 137 -13.10 2.92 -11.80
C GLY B 137 -13.34 3.65 -13.09
N THR B 138 -12.69 4.81 -13.17
CA THR B 138 -12.80 5.74 -14.30
C THR B 138 -11.44 6.28 -14.75
N LEU B 139 -11.42 6.97 -15.89
CA LEU B 139 -10.25 7.73 -16.29
C LEU B 139 -9.96 8.81 -15.23
N ASP B 140 -8.69 9.04 -14.94
CA ASP B 140 -8.39 9.81 -13.73
C ASP B 140 -8.66 11.30 -13.82
N SER B 141 -8.62 11.88 -15.02
CA SER B 141 -8.58 13.37 -15.20
C SER B 141 -9.60 13.92 -16.28
N GLY B 142 -10.79 13.34 -16.27
CA GLY B 142 -11.81 13.70 -17.26
C GLY B 142 -13.22 13.86 -16.68
N SER B 143 -14.20 13.93 -17.58
CA SER B 143 -15.58 14.23 -17.24
C SER B 143 -16.32 13.09 -16.59
N THR B 144 -15.91 11.83 -16.86
CA THR B 144 -16.55 10.71 -16.19
C THR B 144 -16.30 10.77 -14.66
N LYS B 145 -15.05 11.01 -14.29
CA LYS B 145 -14.71 11.12 -12.89
C LYS B 145 -15.55 12.24 -12.26
N GLU B 146 -15.63 13.37 -12.95
CA GLU B 146 -16.41 14.52 -12.39
C GLU B 146 -17.89 14.20 -12.21
N PHE B 147 -18.47 13.46 -13.15
CA PHE B 147 -19.87 13.06 -13.04
C PHE B 147 -20.11 12.35 -11.70
N PHE B 148 -19.22 11.43 -11.36
CA PHE B 148 -19.41 10.66 -10.13
C PHE B 148 -19.19 11.52 -8.89
N ARG B 149 -18.19 12.36 -8.97
CA ARG B 149 -17.78 13.27 -7.87
C ARG B 149 -18.97 14.13 -7.46
N ARG B 150 -19.80 14.51 -8.45
CA ARG B 150 -20.91 15.45 -8.24
C ARG B 150 -22.31 14.85 -8.09
N SER B 151 -22.45 13.56 -8.41
CA SER B 151 -23.78 13.02 -8.50
C SER B 151 -24.46 12.90 -7.14
N LYS B 152 -25.72 13.32 -7.11
CA LYS B 152 -26.56 13.21 -5.93
C LYS B 152 -27.55 12.06 -6.09
N ILE B 153 -27.46 11.35 -7.21
CA ILE B 153 -28.23 10.13 -7.44
C ILE B 153 -27.69 9.01 -6.52
N ALA B 154 -28.58 8.33 -5.79
CA ALA B 154 -28.18 7.40 -4.72
C ALA B 154 -27.12 6.39 -5.18
N VAL B 155 -27.41 5.70 -6.28
CA VAL B 155 -26.48 4.67 -6.80
C VAL B 155 -25.11 5.27 -7.18
N PHE B 156 -25.10 6.41 -7.87
CA PHE B 156 -23.85 7.02 -8.32
C PHE B 156 -23.05 7.59 -7.14
N ASP B 157 -23.77 8.17 -6.16
CA ASP B 157 -23.12 8.66 -4.93
C ASP B 157 -22.40 7.53 -4.20
N LYS B 158 -23.06 6.38 -4.13
CA LYS B 158 -22.52 5.17 -3.46
C LYS B 158 -21.27 4.69 -4.20
N MET B 159 -21.32 4.74 -5.53
CA MET B 159 -20.19 4.35 -6.35
C MET B 159 -19.00 5.31 -6.15
N TRP B 160 -19.26 6.62 -6.12
CA TRP B 160 -18.20 7.60 -5.89
C TRP B 160 -17.56 7.38 -4.50
N THR B 161 -18.41 7.15 -3.52
CA THR B 161 -17.88 6.96 -2.14
C THR B 161 -16.90 5.79 -2.10
N TYR B 162 -17.27 4.71 -2.78
CA TYR B 162 -16.32 3.58 -2.97
C TYR B 162 -15.08 3.97 -3.79
N MET B 163 -15.28 4.56 -4.97
CA MET B 163 -14.13 4.74 -5.83
C MET B 163 -13.08 5.71 -5.26
N ARG B 164 -13.53 6.78 -4.63
CA ARG B 164 -12.63 7.84 -4.20
C ARG B 164 -11.58 7.37 -3.18
N SER B 165 -11.91 6.32 -2.43
CA SER B 165 -11.04 5.80 -1.35
C SER B 165 -10.58 4.32 -1.56
N ALA B 166 -10.94 3.71 -2.68
CA ALA B 166 -10.55 2.33 -2.96
C ALA B 166 -9.04 2.21 -3.11
N GLU B 167 -8.49 1.09 -2.58
CA GLU B 167 -7.05 0.80 -2.77
C GLU B 167 -6.87 -0.62 -3.26
N PRO B 168 -5.98 -0.82 -4.27
CA PRO B 168 -5.24 0.24 -4.95
C PRO B 168 -6.20 1.11 -5.80
N SER B 169 -5.68 2.23 -6.25
CA SER B 169 -6.46 3.22 -7.01
C SER B 169 -7.24 2.53 -8.10
N VAL B 170 -8.53 2.88 -8.20
CA VAL B 170 -9.32 2.34 -9.33
C VAL B 170 -9.25 3.20 -10.57
N PHE B 171 -8.60 4.34 -10.46
CA PHE B 171 -8.53 5.27 -11.59
C PHE B 171 -7.34 4.91 -12.45
N VAL B 172 -7.41 5.28 -13.72
CA VAL B 172 -6.35 5.01 -14.69
C VAL B 172 -5.94 6.28 -15.44
N ARG B 173 -4.73 6.26 -16.02
CA ARG B 173 -4.14 7.40 -16.71
C ARG B 173 -4.70 7.60 -18.12
N THR B 174 -5.03 6.48 -18.79
CA THR B 174 -5.51 6.51 -20.17
C THR B 174 -6.60 5.49 -20.35
N THR B 175 -7.44 5.70 -21.37
CA THR B 175 -8.41 4.67 -21.72
C THR B 175 -7.76 3.31 -21.96
N ALA B 176 -6.65 3.30 -22.71
CA ALA B 176 -5.96 2.03 -22.97
C ALA B 176 -5.61 1.29 -21.67
N GLU B 177 -5.15 2.03 -20.67
CA GLU B 177 -4.86 1.42 -19.36
C GLU B 177 -6.09 0.78 -18.68
N GLY B 178 -7.25 1.44 -18.77
CA GLY B 178 -8.48 0.92 -18.18
C GLY B 178 -8.93 -0.33 -18.93
N VAL B 179 -8.89 -0.28 -20.24
CA VAL B 179 -9.28 -1.46 -21.08
C VAL B 179 -8.34 -2.65 -20.80
N ALA B 180 -7.04 -2.38 -20.72
CA ALA B 180 -6.07 -3.44 -20.38
C ALA B 180 -6.34 -4.02 -18.99
N ARG B 181 -6.76 -3.18 -18.02
CA ARG B 181 -7.02 -3.62 -16.68
C ARG B 181 -8.25 -4.51 -16.63
N VAL B 182 -9.28 -4.14 -17.40
CA VAL B 182 -10.45 -5.03 -17.55
C VAL B 182 -10.02 -6.40 -18.12
N ARG B 183 -9.23 -6.36 -19.17
CA ARG B 183 -8.86 -7.58 -19.91
C ARG B 183 -7.95 -8.50 -19.10
N LYS B 184 -7.16 -7.95 -18.18
CA LYS B 184 -6.26 -8.82 -17.40
CA LYS B 184 -6.22 -8.78 -17.38
C LYS B 184 -6.77 -9.19 -16.01
N SER B 185 -7.93 -8.64 -15.65
CA SER B 185 -8.43 -8.79 -14.29
C SER B 185 -9.31 -10.02 -14.01
N LYS B 186 -9.47 -10.90 -15.00
CA LYS B 186 -10.30 -12.10 -14.82
C LYS B 186 -11.74 -11.80 -14.34
N GLY B 187 -12.26 -10.65 -14.74
CA GLY B 187 -13.61 -10.27 -14.38
C GLY B 187 -13.73 -9.46 -13.11
N LYS B 188 -12.59 -9.16 -12.48
CA LYS B 188 -12.59 -8.50 -11.21
C LYS B 188 -12.40 -7.01 -11.27
N TYR B 189 -12.29 -6.48 -12.49
CA TYR B 189 -12.37 -5.02 -12.69
C TYR B 189 -13.33 -4.70 -13.84
N ALA B 190 -14.17 -3.71 -13.61
CA ALA B 190 -15.07 -3.15 -14.64
C ALA B 190 -14.70 -1.69 -14.84
N TYR B 191 -14.84 -1.16 -16.07
CA TYR B 191 -14.30 0.18 -16.30
C TYR B 191 -15.45 1.07 -16.75
N LEU B 192 -15.54 2.27 -16.18
CA LEU B 192 -16.62 3.21 -16.53
C LEU B 192 -16.07 4.19 -17.52
N LEU B 193 -16.62 4.19 -18.76
CA LEU B 193 -16.08 5.06 -19.80
C LEU B 193 -17.15 5.43 -20.78
N GLU B 194 -16.83 6.36 -21.68
CA GLU B 194 -17.89 6.87 -22.57
C GLU B 194 -18.31 5.80 -23.58
N SER B 195 -19.62 5.82 -23.87
CA SER B 195 -20.22 4.80 -24.77
C SER B 195 -19.51 4.67 -26.13
N THR B 196 -19.11 5.80 -26.72
CA THR B 196 -18.34 5.85 -27.96
C THR B 196 -17.08 4.97 -27.88
N MET B 197 -16.25 5.15 -26.87
CA MET B 197 -15.02 4.38 -26.72
CA MET B 197 -15.03 4.33 -26.75
C MET B 197 -15.37 2.88 -26.44
N ASN B 198 -16.35 2.68 -25.56
CA ASN B 198 -16.78 1.32 -25.15
C ASN B 198 -17.24 0.52 -26.39
N GLU B 199 -18.08 1.15 -27.19
CA GLU B 199 -18.63 0.47 -28.41
C GLU B 199 -17.56 0.21 -29.47
N TYR B 200 -16.56 1.09 -29.60
CA TYR B 200 -15.42 0.86 -30.49
C TYR B 200 -14.63 -0.40 -30.03
N ILE B 201 -14.30 -0.46 -28.75
CA ILE B 201 -13.47 -1.53 -28.21
C ILE B 201 -14.18 -2.88 -28.27
N GLU B 202 -15.51 -2.89 -28.09
CA GLU B 202 -16.28 -4.16 -28.16
C GLU B 202 -16.17 -4.79 -29.54
N GLN B 203 -15.92 -3.99 -30.57
CA GLN B 203 -15.84 -4.53 -31.93
C GLN B 203 -14.40 -4.73 -32.45
N ARG B 204 -13.44 -4.67 -31.53
CA ARG B 204 -12.05 -4.97 -31.87
C ARG B 204 -11.55 -6.24 -31.17
N LYS B 205 -10.65 -6.95 -31.85
CA LYS B 205 -9.97 -8.09 -31.26
C LYS B 205 -9.21 -7.70 -30.00
N PRO B 206 -9.14 -8.60 -29.02
CA PRO B 206 -9.60 -10.01 -29.00
C PRO B 206 -11.06 -10.24 -28.67
N CYS B 207 -11.90 -9.21 -28.79
CA CYS B 207 -13.35 -9.38 -28.67
C CYS B 207 -13.75 -9.98 -27.34
N ASP B 208 -13.18 -9.48 -26.24
CA ASP B 208 -13.37 -10.06 -24.91
C ASP B 208 -14.01 -9.11 -23.92
N THR B 209 -14.47 -7.96 -24.43
CA THR B 209 -15.18 -7.02 -23.60
C THR B 209 -16.58 -6.78 -24.10
N MET B 210 -17.40 -6.21 -23.24
CA MET B 210 -18.78 -5.92 -23.61
C MET B 210 -19.25 -4.67 -22.88
N LYS B 211 -20.07 -3.87 -23.57
CA LYS B 211 -20.84 -2.82 -22.94
C LYS B 211 -22.05 -3.46 -22.32
N VAL B 212 -22.33 -3.12 -21.07
CA VAL B 212 -23.56 -3.61 -20.37
C VAL B 212 -24.43 -2.51 -19.79
N GLY B 213 -25.75 -2.69 -19.84
CA GLY B 213 -26.67 -1.72 -19.26
C GLY B 213 -26.85 -0.50 -20.14
N GLY B 214 -27.64 0.45 -19.65
CA GLY B 214 -27.92 1.65 -20.42
C GLY B 214 -26.79 2.63 -20.13
N ASN B 215 -26.75 3.73 -20.87
CA ASN B 215 -25.85 4.80 -20.49
C ASN B 215 -26.37 5.52 -19.25
N LEU B 216 -25.44 6.03 -18.46
CA LEU B 216 -25.78 6.65 -17.17
C LEU B 216 -26.18 8.10 -17.30
N ASP B 217 -25.78 8.71 -18.43
CA ASP B 217 -26.09 10.14 -18.67
C ASP B 217 -26.08 10.39 -20.17
N SER B 218 -26.28 11.66 -20.56
CA SER B 218 -26.29 12.05 -21.98
C SER B 218 -25.50 13.32 -22.10
N LYS B 219 -24.53 13.32 -23.01
CA LYS B 219 -23.80 14.55 -23.28
C LYS B 219 -23.22 14.54 -24.69
N GLY B 220 -22.32 15.49 -24.96
CA GLY B 220 -21.80 15.57 -26.33
C GLY B 220 -20.32 15.94 -26.32
N TYR B 221 -19.64 15.62 -27.42
CA TYR B 221 -18.28 16.16 -27.63
C TYR B 221 -18.38 17.40 -28.50
N GLY B 222 -17.56 18.40 -28.17
CA GLY B 222 -17.57 19.64 -28.97
C GLY B 222 -16.13 20.04 -29.35
N ILE B 223 -15.98 20.86 -30.39
CA ILE B 223 -14.68 21.41 -30.77
C ILE B 223 -14.51 22.65 -29.92
N ALA B 224 -13.36 22.77 -29.24
CA ALA B 224 -13.20 23.85 -28.29
C ALA B 224 -12.16 24.87 -28.78
N THR B 225 -12.40 26.13 -28.45
CA THR B 225 -11.49 27.23 -28.79
C THR B 225 -11.36 28.09 -27.54
N PRO B 226 -10.24 28.84 -27.42
CA PRO B 226 -10.14 29.76 -26.26
C PRO B 226 -11.24 30.85 -26.37
N LYS B 227 -11.64 31.42 -25.24
CA LYS B 227 -12.51 32.60 -25.28
C LYS B 227 -11.87 33.72 -26.08
N GLY B 228 -12.68 34.36 -26.95
CA GLY B 228 -12.20 35.42 -27.86
C GLY B 228 -11.43 34.98 -29.09
N SER B 229 -11.51 33.69 -29.42
CA SER B 229 -10.85 33.21 -30.63
C SER B 229 -11.53 33.79 -31.85
N SER B 230 -10.75 34.12 -32.88
CA SER B 230 -11.32 34.55 -34.16
C SER B 230 -12.04 33.36 -34.86
N LEU B 231 -11.84 32.14 -34.34
CA LEU B 231 -12.32 30.92 -34.99
C LEU B 231 -13.64 30.37 -34.50
N GLY B 232 -14.08 30.73 -33.30
CA GLY B 232 -15.22 30.03 -32.68
C GLY B 232 -16.47 30.03 -33.54
N ASN B 233 -16.83 31.22 -34.05
CA ASN B 233 -18.05 31.30 -34.89
C ASN B 233 -18.04 30.40 -36.14
N ALA B 234 -16.97 30.47 -36.93
CA ALA B 234 -16.92 29.68 -38.14
C ALA B 234 -16.86 28.19 -37.82
N VAL B 235 -16.14 27.83 -36.76
CA VAL B 235 -16.00 26.41 -36.39
C VAL B 235 -17.37 25.84 -36.04
N ASN B 236 -18.14 26.61 -35.27
CA ASN B 236 -19.50 26.19 -34.87
C ASN B 236 -20.40 25.97 -36.10
N LEU B 237 -20.39 26.94 -37.02
CA LEU B 237 -21.18 26.80 -38.24
C LEU B 237 -20.70 25.64 -39.10
N ALA B 238 -19.38 25.39 -39.11
CA ALA B 238 -18.85 24.28 -39.87
C ALA B 238 -19.33 22.95 -39.34
N VAL B 239 -19.33 22.80 -38.01
CA VAL B 239 -19.87 21.54 -37.44
C VAL B 239 -21.31 21.30 -37.89
N LEU B 240 -22.12 22.36 -37.87
CA LEU B 240 -23.53 22.22 -38.28
C LEU B 240 -23.66 21.85 -39.78
N LYS B 241 -22.79 22.46 -40.59
CA LYS B 241 -22.73 22.18 -42.06
C LYS B 241 -22.36 20.69 -42.26
N LEU B 242 -21.32 20.22 -41.56
CA LEU B 242 -20.95 18.82 -41.65
C LEU B 242 -22.07 17.87 -41.26
N ASN B 243 -22.81 18.21 -40.19
CA ASN B 243 -23.79 17.23 -39.77
C ASN B 243 -24.91 17.04 -40.78
N GLU B 244 -25.32 18.16 -41.32
CA GLU B 244 -26.42 18.19 -42.23
C GLU B 244 -26.09 17.74 -43.62
N GLN B 245 -24.81 17.75 -43.99
CA GLN B 245 -24.36 17.06 -45.20
C GLN B 245 -24.20 15.55 -45.00
N GLY B 246 -24.44 15.04 -43.79
CA GLY B 246 -24.29 13.63 -43.42
C GLY B 246 -22.85 13.16 -43.29
N LEU B 247 -21.93 14.13 -43.29
CA LEU B 247 -20.50 13.84 -43.19
C LEU B 247 -20.19 13.22 -41.82
N LEU B 248 -20.77 13.78 -40.76
CA LEU B 248 -20.48 13.20 -39.45
C LEU B 248 -20.91 11.74 -39.38
N ASP B 249 -22.08 11.44 -39.96
CA ASP B 249 -22.56 10.06 -40.02
C ASP B 249 -21.63 9.15 -40.83
N LYS B 250 -21.16 9.64 -41.97
CA LYS B 250 -20.14 8.93 -42.79
C LYS B 250 -18.88 8.60 -41.97
N LEU B 251 -18.37 9.58 -41.22
CA LEU B 251 -17.18 9.35 -40.43
C LEU B 251 -17.37 8.34 -39.30
N LYS B 252 -18.54 8.36 -38.69
CA LYS B 252 -18.86 7.47 -37.59
C LYS B 252 -18.86 6.04 -38.15
N ASN B 253 -19.56 5.84 -39.27
CA ASN B 253 -19.61 4.54 -39.93
C ASN B 253 -18.21 4.06 -40.35
N LYS B 254 -17.36 5.00 -40.81
CA LYS B 254 -15.99 4.67 -41.26
C LYS B 254 -15.15 4.13 -40.10
N TRP B 255 -15.23 4.81 -38.94
CA TRP B 255 -14.32 4.52 -37.85
C TRP B 255 -14.84 3.53 -36.79
N TRP B 256 -16.15 3.30 -36.81
CA TRP B 256 -16.81 2.33 -35.91
C TRP B 256 -17.24 1.12 -36.79
N TYR B 257 -18.35 1.23 -37.49
CA TYR B 257 -18.92 0.04 -38.19
C TYR B 257 -17.88 -0.66 -39.11
N ASP B 258 -17.24 0.15 -39.93
CA ASP B 258 -16.36 -0.35 -41.00
C ASP B 258 -15.09 -0.92 -40.40
N LYS B 259 -14.79 -0.53 -39.15
CA LYS B 259 -13.62 -1.04 -38.46
C LYS B 259 -13.89 -2.32 -37.63
N GLY B 260 -15.14 -2.79 -37.62
CA GLY B 260 -15.51 -3.94 -36.80
C GLY B 260 -14.68 -5.18 -37.11
N GLU B 261 -14.29 -5.91 -36.08
CA GLU B 261 -13.49 -7.13 -36.27
C GLU B 261 -14.10 -8.37 -35.64
N CYS B 262 -15.14 -8.16 -34.84
CA CYS B 262 -15.70 -9.20 -33.99
C CYS B 262 -16.97 -9.81 -34.57
N LYS C 5 16.12 16.64 33.92
CA LYS C 5 14.67 16.48 34.29
C LYS C 5 14.33 14.99 34.31
N THR C 6 13.67 14.55 35.39
CA THR C 6 13.19 13.16 35.47
C THR C 6 12.03 13.02 34.46
N VAL C 7 12.11 12.00 33.63
CA VAL C 7 11.19 11.77 32.52
C VAL C 7 9.93 11.11 33.05
N VAL C 8 8.78 11.70 32.77
CA VAL C 8 7.50 11.16 33.19
C VAL C 8 7.05 10.22 32.08
N VAL C 9 6.94 8.95 32.42
CA VAL C 9 6.53 7.90 31.49
C VAL C 9 5.09 7.57 31.74
N THR C 10 4.23 7.79 30.75
CA THR C 10 2.84 7.31 30.88
C THR C 10 2.74 5.89 30.39
N THR C 11 1.98 5.07 31.11
CA THR C 11 1.76 3.68 30.72
C THR C 11 0.40 3.22 31.23
N ILE C 12 0.06 1.95 31.03
CA ILE C 12 -1.30 1.49 31.26
C ILE C 12 -1.20 0.09 31.90
N LEU C 13 -2.07 -0.16 32.88
CA LEU C 13 -2.04 -1.46 33.52
C LEU C 13 -2.69 -2.46 32.54
N GLU C 14 -1.85 -3.27 31.90
CA GLU C 14 -2.32 -4.17 30.84
C GLU C 14 -1.35 -5.35 30.85
N SER C 15 -1.85 -6.55 31.14
CA SER C 15 -0.94 -7.69 31.23
C SER C 15 -0.55 -8.20 29.85
N PRO C 16 0.70 -8.70 29.69
CA PRO C 16 1.77 -8.75 30.70
C PRO C 16 2.70 -7.56 30.54
N TYR C 17 2.18 -6.42 30.09
CA TYR C 17 3.07 -5.30 29.77
C TYR C 17 3.45 -4.49 31.01
N VAL C 18 2.43 -4.18 31.81
CA VAL C 18 2.61 -3.51 33.10
C VAL C 18 1.58 -4.10 34.04
N MET C 19 2.05 -4.60 35.17
CA MET C 19 1.21 -5.24 36.20
C MET C 19 1.75 -4.82 37.57
N MET C 20 0.85 -4.69 38.55
CA MET C 20 1.30 -4.55 39.93
C MET C 20 1.93 -5.86 40.42
N LYS C 21 3.11 -5.76 41.01
CA LYS C 21 3.80 -6.91 41.60
C LYS C 21 2.94 -7.44 42.76
N LYS C 22 3.05 -8.72 43.06
CA LYS C 22 2.29 -9.32 44.17
C LYS C 22 2.40 -8.49 45.45
N ASN C 23 3.61 -8.08 45.80
CA ASN C 23 3.88 -7.39 47.05
C ASN C 23 3.95 -5.88 46.90
N HIS C 24 3.21 -5.33 45.93
CA HIS C 24 3.31 -3.92 45.55
C HIS C 24 3.00 -2.95 46.69
N GLU C 25 2.21 -3.40 47.67
CA GLU C 25 1.83 -2.56 48.82
C GLU C 25 3.02 -2.06 49.62
N MET C 26 4.08 -2.88 49.67
CA MET C 26 5.32 -2.56 50.42
C MET C 26 6.42 -1.91 49.60
N LEU C 27 6.10 -1.61 48.33
CA LEU C 27 7.07 -1.09 47.37
C LEU C 27 6.69 0.34 47.02
N GLU C 28 7.66 1.09 46.52
CA GLU C 28 7.46 2.49 46.14
C GLU C 28 7.93 2.75 44.71
N GLY C 29 7.32 3.75 44.09
CA GLY C 29 7.70 4.22 42.76
C GLY C 29 7.70 3.12 41.71
N ASN C 30 8.74 3.11 40.90
CA ASN C 30 8.81 2.19 39.76
C ASN C 30 8.85 0.73 40.22
N GLU C 31 9.33 0.51 41.44
CA GLU C 31 9.39 -0.84 42.01
C GLU C 31 8.04 -1.55 42.19
N ARG C 32 6.94 -0.80 42.22
CA ARG C 32 5.62 -1.41 42.36
C ARG C 32 5.22 -2.30 41.20
N TYR C 33 5.84 -2.04 40.05
CA TYR C 33 5.37 -2.58 38.76
C TYR C 33 6.32 -3.60 38.17
N GLU C 34 5.77 -4.50 37.36
CA GLU C 34 6.59 -5.41 36.59
C GLU C 34 5.90 -5.71 35.25
N GLY C 35 6.69 -6.27 34.32
CA GLY C 35 6.15 -6.68 33.02
C GLY C 35 7.04 -6.26 31.86
N TYR C 36 6.60 -6.60 30.65
CA TYR C 36 7.40 -6.37 29.47
C TYR C 36 7.79 -4.89 29.31
N CYS C 37 6.82 -3.98 29.49
CA CYS C 37 7.09 -2.54 29.26
C CYS C 37 7.88 -1.96 30.44
N VAL C 38 7.73 -2.59 31.61
CA VAL C 38 8.52 -2.19 32.78
C VAL C 38 10.01 -2.46 32.49
N ASP C 39 10.28 -3.65 31.97
CA ASP C 39 11.65 -4.06 31.57
C ASP C 39 12.17 -3.19 30.41
N LEU C 40 11.28 -2.91 29.46
CA LEU C 40 11.65 -2.13 28.30
C LEU C 40 12.02 -0.70 28.71
N ALA C 41 11.21 -0.09 29.58
CA ALA C 41 11.47 1.26 30.04
C ALA C 41 12.85 1.34 30.72
N ALA C 42 13.16 0.35 31.55
CA ALA C 42 14.42 0.31 32.29
C ALA C 42 15.59 0.23 31.30
N GLU C 43 15.45 -0.64 30.30
CA GLU C 43 16.45 -0.73 29.22
C GLU C 43 16.59 0.55 28.38
N ILE C 44 15.48 1.19 28.00
CA ILE C 44 15.51 2.44 27.23
C ILE C 44 16.12 3.57 28.05
N ALA C 45 15.75 3.61 29.33
CA ALA C 45 16.27 4.62 30.27
C ALA C 45 17.78 4.52 30.36
N LYS C 46 18.27 3.29 30.48
CA LYS C 46 19.70 3.00 30.55
C LYS C 46 20.47 3.52 29.31
N HIS C 47 20.02 3.12 28.10
CA HIS C 47 20.66 3.55 26.84
C HIS C 47 20.59 5.06 26.55
N CYS C 48 19.46 5.69 26.87
CA CYS C 48 19.26 7.12 26.57
C CYS C 48 19.78 8.04 27.67
N GLY C 49 20.22 7.42 28.76
CA GLY C 49 20.82 8.12 29.88
C GLY C 49 19.90 8.99 30.71
N PHE C 50 18.66 8.56 30.91
CA PHE C 50 17.72 9.33 31.75
C PHE C 50 17.17 8.58 32.99
N LYS C 51 16.82 9.36 34.01
CA LYS C 51 15.98 8.87 35.11
C LYS C 51 14.52 9.10 34.75
N TYR C 52 13.66 8.25 35.29
CA TYR C 52 12.25 8.31 34.89
C TYR C 52 11.33 7.87 36.01
N LYS C 53 10.05 8.25 35.86
CA LYS C 53 8.99 7.87 36.78
C LYS C 53 7.85 7.25 35.97
N LEU C 54 7.53 5.98 36.30
CA LEU C 54 6.36 5.34 35.70
C LEU C 54 5.09 5.86 36.32
N THR C 55 4.15 6.29 35.47
CA THR C 55 2.86 6.78 35.95
CA THR C 55 2.89 6.82 35.92
C THR C 55 1.78 6.12 35.14
N ILE C 56 0.79 5.56 35.84
CA ILE C 56 -0.33 4.92 35.15
C ILE C 56 -1.30 5.98 34.68
N VAL C 57 -1.70 5.87 33.43
CA VAL C 57 -2.51 6.89 32.75
C VAL C 57 -3.79 7.13 33.56
N GLY C 58 -4.12 8.40 33.81
CA GLY C 58 -5.22 8.74 34.74
C GLY C 58 -6.59 8.16 34.42
N ASP C 59 -6.95 8.20 33.15
CA ASP C 59 -8.28 7.76 32.67
C ASP C 59 -8.30 6.30 32.22
N GLY C 60 -7.15 5.62 32.36
CA GLY C 60 -7.06 4.18 32.08
C GLY C 60 -7.24 3.80 30.61
N LYS C 61 -7.05 4.75 29.70
CA LYS C 61 -7.32 4.57 28.25
C LYS C 61 -6.06 4.69 27.36
N TYR C 62 -6.12 4.08 26.18
CA TYR C 62 -5.00 4.17 25.22
C TYR C 62 -4.97 5.56 24.55
N GLY C 63 -6.08 5.91 23.92
CA GLY C 63 -6.22 7.29 23.43
C GLY C 63 -7.01 7.38 22.15
N ALA C 64 -7.99 8.27 22.19
CA ALA C 64 -8.81 8.53 21.03
C ALA C 64 -9.22 10.00 21.09
N ARG C 65 -9.62 10.52 19.93
CA ARG C 65 -9.98 11.92 19.80
C ARG C 65 -11.51 12.03 19.79
N ASP C 66 -12.06 12.88 20.66
CA ASP C 66 -13.50 13.13 20.74
C ASP C 66 -13.87 13.86 19.45
N ALA C 67 -14.85 13.32 18.73
CA ALA C 67 -15.20 13.85 17.42
C ALA C 67 -15.74 15.30 17.50
N ASP C 68 -16.33 15.66 18.63
CA ASP C 68 -16.88 17.01 18.81
C ASP C 68 -15.92 18.07 19.34
N THR C 69 -15.28 17.79 20.47
CA THR C 69 -14.40 18.75 21.09
C THR C 69 -12.98 18.66 20.49
N LYS C 70 -12.71 17.60 19.74
CA LYS C 70 -11.35 17.25 19.21
C LYS C 70 -10.26 17.04 20.29
N ILE C 71 -10.69 16.81 21.53
CA ILE C 71 -9.79 16.58 22.64
C ILE C 71 -9.37 15.11 22.69
N TRP C 72 -8.07 14.87 22.81
CA TRP C 72 -7.54 13.52 22.98
C TRP C 72 -7.55 13.06 24.43
N ASN C 73 -7.92 11.79 24.63
CA ASN C 73 -7.84 11.17 25.93
C ASN C 73 -6.72 10.13 26.01
N GLY C 74 -6.64 9.44 27.15
CA GLY C 74 -5.73 8.30 27.28
C GLY C 74 -4.29 8.78 27.31
N MET C 75 -3.39 7.82 27.07
CA MET C 75 -1.94 8.09 27.01
C MET C 75 -1.60 9.07 25.91
N VAL C 76 -2.32 8.97 24.77
CA VAL C 76 -2.11 9.92 23.68
C VAL C 76 -2.37 11.36 24.19
N GLY C 77 -3.49 11.55 24.88
CA GLY C 77 -3.79 12.86 25.50
C GLY C 77 -2.73 13.36 26.45
N GLU C 78 -2.23 12.48 27.30
CA GLU C 78 -1.16 12.84 28.24
C GLU C 78 0.06 13.40 27.51
N LEU C 79 0.38 12.82 26.37
CA LEU C 79 1.46 13.37 25.55
C LEU C 79 1.12 14.68 24.90
N VAL C 80 0.00 14.70 24.21
CA VAL C 80 -0.50 15.87 23.48
C VAL C 80 -0.56 17.10 24.40
N TYR C 81 -1.01 16.94 25.65
CA TYR C 81 -1.25 18.08 26.55
C TYR C 81 -0.08 18.38 27.50
N GLY C 82 1.00 17.61 27.35
CA GLY C 82 2.23 17.86 28.08
C GLY C 82 2.25 17.32 29.50
N LYS C 83 1.35 16.36 29.79
CA LYS C 83 1.27 15.71 31.12
C LYS C 83 2.28 14.58 31.30
N ALA C 84 2.79 14.04 30.19
CA ALA C 84 3.86 13.02 30.22
C ALA C 84 4.83 13.27 29.08
N ASP C 85 6.03 12.75 29.25
CA ASP C 85 7.15 13.00 28.33
C ASP C 85 7.31 11.90 27.28
N ILE C 86 6.84 10.72 27.64
CA ILE C 86 6.99 9.51 26.81
C ILE C 86 5.95 8.49 27.22
N ALA C 87 5.46 7.73 26.25
CA ALA C 87 4.55 6.58 26.58
C ALA C 87 5.25 5.33 26.22
N ILE C 88 5.36 4.42 27.19
CA ILE C 88 5.99 3.14 26.96
C ILE C 88 4.95 2.11 27.33
N ALA C 89 4.26 1.61 26.32
CA ALA C 89 3.03 0.86 26.53
C ALA C 89 2.72 0.08 25.24
N PRO C 90 1.76 -0.86 25.31
CA PRO C 90 1.28 -1.52 24.07
C PRO C 90 0.39 -0.60 23.26
N LEU C 91 1.01 0.46 22.73
CA LEU C 91 0.28 1.58 22.10
C LEU C 91 0.44 1.40 20.60
N THR C 92 -0.69 1.16 19.93
CA THR C 92 -0.71 0.87 18.49
C THR C 92 -0.38 2.08 17.64
N ILE C 93 0.55 1.89 16.70
CA ILE C 93 0.95 2.91 15.77
C ILE C 93 -0.18 3.02 14.72
N THR C 94 -0.78 4.21 14.66
CA THR C 94 -1.89 4.49 13.72
C THR C 94 -1.67 5.84 13.05
N LEU C 95 -2.29 5.98 11.87
CA LEU C 95 -2.25 7.23 11.12
C LEU C 95 -2.76 8.39 11.95
N VAL C 96 -3.97 8.27 12.52
CA VAL C 96 -4.49 9.42 13.27
C VAL C 96 -3.61 9.80 14.44
N ARG C 97 -3.02 8.81 15.12
CA ARG C 97 -2.08 9.14 16.21
C ARG C 97 -0.78 9.80 15.69
N GLU C 98 -0.23 9.21 14.63
CA GLU C 98 1.06 9.69 14.08
C GLU C 98 0.98 11.15 13.65
N GLU C 99 -0.24 11.59 13.36
CA GLU C 99 -0.49 12.99 13.01
C GLU C 99 -0.31 13.97 14.18
N VAL C 100 -0.39 13.46 15.42
CA VAL C 100 -0.27 14.31 16.62
C VAL C 100 0.86 13.97 17.60
N ILE C 101 1.35 12.73 17.57
CA ILE C 101 2.50 12.36 18.36
C ILE C 101 3.50 11.64 17.46
N ASP C 102 4.72 11.44 17.97
CA ASP C 102 5.75 10.65 17.25
C ASP C 102 5.82 9.25 17.81
N PHE C 103 6.09 8.27 16.94
CA PHE C 103 6.28 6.90 17.38
C PHE C 103 7.66 6.41 16.91
N SER C 104 8.30 5.64 17.79
CA SER C 104 9.48 4.85 17.42
C SER C 104 9.13 3.80 16.36
N LYS C 105 10.17 3.26 15.71
CA LYS C 105 9.98 2.00 15.02
C LYS C 105 9.30 1.04 16.01
N PRO C 106 8.51 0.10 15.49
CA PRO C 106 7.80 -0.77 16.43
C PRO C 106 8.70 -1.71 17.22
N PHE C 107 8.32 -1.96 18.47
CA PHE C 107 9.04 -2.94 19.28
C PHE C 107 8.40 -4.32 19.28
N MET C 108 7.19 -4.42 18.71
CA MET C 108 6.46 -5.66 18.65
C MET C 108 5.39 -5.59 17.55
N SER C 109 5.12 -6.73 16.92
CA SER C 109 4.09 -6.83 15.91
C SER C 109 2.84 -7.42 16.56
N LEU C 110 1.67 -7.11 16.01
CA LEU C 110 0.41 -7.68 16.45
C LEU C 110 -0.61 -7.54 15.35
N GLY C 111 -1.77 -8.20 15.54
CA GLY C 111 -2.92 -7.98 14.68
C GLY C 111 -4.16 -8.22 15.47
N ILE C 112 -5.28 -7.68 15.01
CA ILE C 112 -6.55 -7.92 15.70
C ILE C 112 -6.89 -9.42 15.57
N SER C 113 -7.49 -9.97 16.62
CA SER C 113 -7.77 -11.40 16.70
C SER C 113 -9.03 -11.68 17.50
N ILE C 114 -9.46 -12.95 17.50
CA ILE C 114 -10.72 -13.33 18.13
C ILE C 114 -10.42 -14.21 19.31
N MET C 115 -10.94 -13.84 20.48
CA MET C 115 -10.88 -14.67 21.68
C MET C 115 -12.26 -15.32 21.91
N ILE C 116 -12.25 -16.65 22.05
CA ILE C 116 -13.48 -17.34 22.47
C ILE C 116 -13.28 -18.13 23.73
N LYS C 117 -14.37 -18.38 24.43
CA LYS C 117 -14.38 -19.43 25.45
C LYS C 117 -14.22 -20.77 24.72
N LYS C 118 -13.42 -21.68 25.27
CA LYS C 118 -13.20 -22.97 24.62
C LYS C 118 -14.54 -23.66 24.29
N GLY C 119 -14.63 -24.17 23.06
CA GLY C 119 -15.83 -24.90 22.60
C GLY C 119 -16.85 -24.06 21.87
N THR C 120 -16.62 -22.75 21.83
CA THR C 120 -17.51 -21.84 21.13
C THR C 120 -17.43 -22.16 19.63
N PRO C 121 -18.58 -22.36 18.98
CA PRO C 121 -18.50 -22.77 17.58
C PRO C 121 -18.30 -21.57 16.64
N ILE C 122 -17.08 -21.01 16.70
CA ILE C 122 -16.68 -19.86 15.91
C ILE C 122 -15.25 -20.12 15.48
N GLU C 123 -14.99 -20.02 14.17
CA GLU C 123 -13.62 -20.19 13.64
C GLU C 123 -13.01 -18.94 12.98
N SER C 124 -13.80 -17.91 12.75
CA SER C 124 -13.36 -16.75 11.96
C SER C 124 -14.24 -15.53 12.19
N ALA C 125 -13.78 -14.37 11.72
CA ALA C 125 -14.62 -13.17 11.72
C ALA C 125 -15.88 -13.41 10.87
N GLU C 126 -15.70 -14.02 9.69
CA GLU C 126 -16.83 -14.42 8.82
C GLU C 126 -17.89 -15.21 9.61
N ASP C 127 -17.46 -16.21 10.38
CA ASP C 127 -18.37 -16.94 11.33
C ASP C 127 -19.12 -16.05 12.30
N LEU C 128 -18.41 -15.12 12.94
CA LEU C 128 -19.09 -14.15 13.82
C LEU C 128 -20.16 -13.34 13.08
N SER C 129 -19.84 -12.87 11.87
CA SER C 129 -20.67 -11.90 11.15
C SER C 129 -21.99 -12.53 10.68
N LYS C 130 -22.04 -13.85 10.63
CA LYS C 130 -23.14 -14.61 9.99
C LYS C 130 -24.13 -15.17 11.01
N GLN C 131 -24.08 -14.65 12.24
CA GLN C 131 -24.95 -15.12 13.31
C GLN C 131 -25.17 -14.02 14.35
N THR C 132 -26.16 -14.22 15.23
CA THR C 132 -26.42 -13.33 16.36
C THR C 132 -26.49 -14.02 17.78
N GLU C 133 -26.47 -15.36 17.81
CA GLU C 133 -26.44 -16.16 19.05
C GLU C 133 -25.29 -15.70 19.96
N ILE C 134 -24.13 -15.56 19.33
CA ILE C 134 -22.91 -15.20 20.05
C ILE C 134 -22.65 -13.70 19.81
N ALA C 135 -22.68 -12.94 20.90
CA ALA C 135 -22.41 -11.48 20.83
C ALA C 135 -20.89 -11.31 20.72
N TYR C 136 -20.45 -10.15 20.24
CA TYR C 136 -19.00 -9.89 20.19
C TYR C 136 -18.75 -8.39 20.18
N GLY C 137 -17.63 -7.99 20.79
CA GLY C 137 -17.28 -6.56 20.90
C GLY C 137 -15.79 -6.32 21.01
N THR C 138 -15.44 -5.08 21.32
CA THR C 138 -14.04 -4.63 21.38
C THR C 138 -13.85 -3.70 22.56
N LEU C 139 -12.60 -3.32 22.81
CA LEU C 139 -12.29 -2.27 23.80
C LEU C 139 -12.76 -0.89 23.31
N ASP C 140 -13.27 -0.05 24.22
CA ASP C 140 -13.44 1.41 23.96
C ASP C 140 -12.13 2.18 23.83
N SER C 141 -12.12 3.26 23.02
CA SER C 141 -11.01 4.27 23.04
C SER C 141 -9.66 3.72 22.61
N GLY C 142 -9.71 2.67 21.78
CA GLY C 142 -8.50 2.10 21.23
C GLY C 142 -8.55 1.83 19.75
N SER C 143 -7.47 1.23 19.26
CA SER C 143 -7.30 1.09 17.82
C SER C 143 -8.19 0.00 17.22
N THR C 144 -8.58 -1.00 18.02
CA THR C 144 -9.40 -2.11 17.47
C THR C 144 -10.80 -1.56 17.14
N LYS C 145 -11.35 -0.72 18.01
CA LYS C 145 -12.68 -0.12 17.74
C LYS C 145 -12.64 0.71 16.46
N GLU C 146 -11.60 1.54 16.33
CA GLU C 146 -11.43 2.38 15.15
C GLU C 146 -11.32 1.56 13.89
N PHE C 147 -10.59 0.45 13.95
CA PHE C 147 -10.47 -0.46 12.81
C PHE C 147 -11.83 -0.85 12.25
N PHE C 148 -12.76 -1.22 13.12
CA PHE C 148 -14.06 -1.71 12.68
C PHE C 148 -14.91 -0.55 12.21
N ARG C 149 -14.82 0.57 12.93
CA ARG C 149 -15.53 1.82 12.57
C ARG C 149 -15.20 2.22 11.12
N ARG C 150 -13.94 2.09 10.73
CA ARG C 150 -13.50 2.55 9.42
C ARG C 150 -13.49 1.51 8.31
N SER C 151 -13.59 0.23 8.66
CA SER C 151 -13.43 -0.82 7.64
C SER C 151 -14.46 -0.80 6.52
N LYS C 152 -13.98 -1.00 5.29
CA LYS C 152 -14.84 -1.19 4.12
C LYS C 152 -14.86 -2.66 3.67
N ILE C 153 -14.11 -3.52 4.38
CA ILE C 153 -14.15 -4.94 4.08
C ILE C 153 -15.53 -5.43 4.51
N ALA C 154 -16.23 -6.08 3.59
CA ALA C 154 -17.63 -6.47 3.81
C ALA C 154 -17.90 -7.11 5.17
N VAL C 155 -17.13 -8.14 5.52
CA VAL C 155 -17.32 -8.88 6.77
C VAL C 155 -17.15 -7.92 7.96
N PHE C 156 -16.10 -7.11 7.93
CA PHE C 156 -15.83 -6.22 9.06
C PHE C 156 -16.83 -5.07 9.12
N ASP C 157 -17.23 -4.56 7.95
CA ASP C 157 -18.30 -3.55 7.88
C ASP C 157 -19.61 -4.09 8.53
N LYS C 158 -20.00 -5.32 8.18
CA LYS C 158 -21.17 -5.98 8.74
C LYS C 158 -21.08 -6.16 10.26
N MET C 159 -19.88 -6.54 10.73
CA MET C 159 -19.60 -6.68 12.17
C MET C 159 -19.74 -5.34 12.90
N TRP C 160 -19.22 -4.26 12.31
CA TRP C 160 -19.36 -2.95 12.94
C TRP C 160 -20.81 -2.46 13.04
N THR C 161 -21.61 -2.71 11.99
CA THR C 161 -23.01 -2.32 11.98
C THR C 161 -23.72 -2.95 13.18
N TYR C 162 -23.49 -4.25 13.34
CA TYR C 162 -23.97 -4.99 14.50
C TYR C 162 -23.46 -4.39 15.82
N MET C 163 -22.14 -4.24 15.94
CA MET C 163 -21.56 -3.86 17.22
C MET C 163 -22.03 -2.50 17.70
N ARG C 164 -22.05 -1.53 16.79
CA ARG C 164 -22.39 -0.16 17.17
C ARG C 164 -23.82 -0.02 17.69
N SER C 165 -24.70 -0.92 17.27
CA SER C 165 -26.15 -0.83 17.56
C SER C 165 -26.64 -1.89 18.55
N ALA C 166 -25.78 -2.86 18.85
CA ALA C 166 -26.12 -3.99 19.73
C ALA C 166 -26.53 -3.58 21.14
N GLU C 167 -27.58 -4.22 21.67
CA GLU C 167 -28.06 -3.92 23.01
C GLU C 167 -28.27 -5.19 23.84
N PRO C 168 -27.72 -5.24 25.07
CA PRO C 168 -26.83 -4.27 25.73
C PRO C 168 -25.48 -4.13 25.03
N SER C 169 -24.79 -3.04 25.36
CA SER C 169 -23.53 -2.70 24.70
C SER C 169 -22.52 -3.86 24.68
N VAL C 170 -21.87 -4.09 23.53
CA VAL C 170 -20.83 -5.14 23.44
C VAL C 170 -19.42 -4.59 23.74
N PHE C 171 -19.31 -3.27 23.90
CA PHE C 171 -18.00 -2.66 24.17
C PHE C 171 -17.65 -2.72 25.64
N VAL C 172 -16.36 -2.81 25.91
CA VAL C 172 -15.84 -2.85 27.28
C VAL C 172 -14.83 -1.74 27.55
N ARG C 173 -14.67 -1.42 28.83
CA ARG C 173 -13.80 -0.31 29.25
C ARG C 173 -12.32 -0.69 29.35
N THR C 174 -12.06 -1.96 29.65
CA THR C 174 -10.70 -2.49 29.78
C THR C 174 -10.62 -3.87 29.14
N THR C 175 -9.43 -4.27 28.71
CA THR C 175 -9.18 -5.64 28.28
C THR C 175 -9.65 -6.67 29.32
N ALA C 176 -9.25 -6.48 30.58
CA ALA C 176 -9.66 -7.38 31.67
C ALA C 176 -11.17 -7.58 31.73
N GLU C 177 -11.95 -6.52 31.49
CA GLU C 177 -13.43 -6.63 31.39
C GLU C 177 -13.92 -7.50 30.24
N GLY C 178 -13.34 -7.30 29.04
CA GLY C 178 -13.62 -8.13 27.88
C GLY C 178 -13.33 -9.59 28.15
N VAL C 179 -12.15 -9.89 28.71
CA VAL C 179 -11.73 -11.26 29.02
C VAL C 179 -12.69 -11.90 30.03
N ALA C 180 -13.03 -11.14 31.09
CA ALA C 180 -13.96 -11.68 32.10
C ALA C 180 -15.32 -11.96 31.51
N ARG C 181 -15.80 -11.08 30.61
CA ARG C 181 -17.07 -11.29 29.91
C ARG C 181 -17.07 -12.57 29.08
N VAL C 182 -15.99 -12.81 28.33
CA VAL C 182 -15.85 -14.10 27.62
C VAL C 182 -15.97 -15.30 28.59
N ARG C 183 -15.21 -15.22 29.68
CA ARG C 183 -15.08 -16.33 30.65
C ARG C 183 -16.41 -16.65 31.35
N LYS C 184 -17.27 -15.64 31.53
CA LYS C 184 -18.54 -15.85 32.24
C LYS C 184 -19.78 -15.99 31.33
N SER C 185 -19.61 -15.81 30.03
CA SER C 185 -20.77 -15.78 29.13
C SER C 185 -21.19 -17.14 28.54
N LYS C 186 -20.57 -18.22 29.04
CA LYS C 186 -20.90 -19.59 28.61
C LYS C 186 -20.86 -19.82 27.09
N GLY C 187 -19.93 -19.15 26.41
CA GLY C 187 -19.73 -19.29 24.98
C GLY C 187 -20.52 -18.31 24.14
N LYS C 188 -21.26 -17.42 24.79
CA LYS C 188 -22.15 -16.50 24.08
C LYS C 188 -21.58 -15.10 23.86
N TYR C 189 -20.35 -14.90 24.30
CA TYR C 189 -19.61 -13.66 23.99
C TYR C 189 -18.20 -13.99 23.52
N ALA C 190 -17.84 -13.39 22.39
CA ALA C 190 -16.49 -13.49 21.82
C ALA C 190 -15.89 -12.08 21.86
N TYR C 191 -14.59 -11.98 22.11
CA TYR C 191 -13.96 -10.68 22.29
C TYR C 191 -12.91 -10.43 21.20
N LEU C 192 -12.93 -9.23 20.62
CA LEU C 192 -11.99 -8.87 19.57
C LEU C 192 -10.89 -8.05 20.18
N LEU C 193 -9.67 -8.59 20.16
CA LEU C 193 -8.55 -7.91 20.83
C LEU C 193 -7.22 -8.26 20.14
N GLU C 194 -6.17 -7.54 20.53
CA GLU C 194 -4.89 -7.71 19.84
C GLU C 194 -4.28 -9.08 20.14
N SER C 195 -3.65 -9.67 19.13
CA SER C 195 -3.12 -11.04 19.21
C SER C 195 -2.20 -11.27 20.42
N THR C 196 -1.41 -10.24 20.73
CA THR C 196 -0.45 -10.24 21.82
C THR C 196 -1.15 -10.52 23.16
N MET C 197 -2.21 -9.77 23.43
CA MET C 197 -2.98 -9.93 24.66
C MET C 197 -3.72 -11.28 24.63
N ASN C 198 -4.31 -11.61 23.49
CA ASN C 198 -5.03 -12.91 23.32
C ASN C 198 -4.12 -14.10 23.63
N GLU C 199 -2.92 -14.09 23.04
CA GLU C 199 -1.97 -15.18 23.21
C GLU C 199 -1.44 -15.28 24.65
N TYR C 200 -1.24 -14.16 25.32
CA TYR C 200 -0.89 -14.18 26.74
C TYR C 200 -1.97 -14.88 27.56
N ILE C 201 -3.20 -14.41 27.39
CA ILE C 201 -4.33 -14.89 28.20
C ILE C 201 -4.59 -16.40 27.97
N GLU C 202 -4.36 -16.83 26.74
CA GLU C 202 -4.55 -18.24 26.37
C GLU C 202 -3.64 -19.16 27.19
N GLN C 203 -2.54 -18.60 27.71
CA GLN C 203 -1.54 -19.39 28.43
C GLN C 203 -1.64 -19.18 29.94
N ARG C 204 -2.72 -18.58 30.39
CA ARG C 204 -2.97 -18.35 31.81
C ARG C 204 -4.16 -19.15 32.34
N LYS C 205 -4.00 -19.74 33.55
CA LYS C 205 -5.14 -20.25 34.28
C LYS C 205 -6.26 -19.20 34.36
N PRO C 206 -7.52 -19.63 34.21
CA PRO C 206 -7.96 -21.04 34.18
C PRO C 206 -7.94 -21.76 32.82
N CYS C 207 -7.20 -21.23 31.84
CA CYS C 207 -6.95 -21.92 30.57
C CYS C 207 -8.25 -22.28 29.83
N ASP C 208 -9.20 -21.35 29.80
CA ASP C 208 -10.54 -21.59 29.28
C ASP C 208 -10.85 -20.73 28.07
N THR C 209 -9.82 -20.02 27.57
CA THR C 209 -10.00 -19.22 26.37
C THR C 209 -9.06 -19.68 25.26
N MET C 210 -9.39 -19.27 24.06
CA MET C 210 -8.59 -19.64 22.91
C MET C 210 -8.61 -18.53 21.87
N LYS C 211 -7.47 -18.34 21.21
CA LYS C 211 -7.40 -17.53 19.98
C LYS C 211 -7.81 -18.42 18.79
N VAL C 212 -8.73 -17.92 17.99
CA VAL C 212 -9.22 -18.65 16.80
C VAL C 212 -9.08 -17.80 15.52
N GLY C 213 -8.78 -18.47 14.41
CA GLY C 213 -8.59 -17.79 13.14
C GLY C 213 -7.25 -17.06 13.00
N GLY C 214 -7.08 -16.44 11.85
CA GLY C 214 -5.88 -15.66 11.63
C GLY C 214 -6.11 -14.27 12.18
N ASN C 215 -5.05 -13.46 12.17
CA ASN C 215 -5.21 -12.05 12.56
C ASN C 215 -5.90 -11.29 11.43
N LEU C 216 -6.65 -10.26 11.78
CA LEU C 216 -7.45 -9.49 10.84
C LEU C 216 -6.64 -8.41 10.12
N ASP C 217 -5.53 -8.02 10.76
CA ASP C 217 -4.63 -7.00 10.21
C ASP C 217 -3.23 -7.21 10.76
N SER C 218 -2.31 -6.33 10.40
CA SER C 218 -0.91 -6.43 10.81
C SER C 218 -0.49 -5.04 11.15
N LYS C 219 -0.04 -4.87 12.40
CA LYS C 219 0.48 -3.53 12.78
C LYS C 219 1.52 -3.66 13.88
N GLY C 220 1.86 -2.56 14.55
CA GLY C 220 2.88 -2.64 15.57
C GLY C 220 2.63 -1.70 16.72
N TYR C 221 3.34 -1.94 17.82
CA TYR C 221 3.33 -0.99 18.94
C TYR C 221 4.60 -0.19 18.89
N GLY C 222 4.51 1.11 19.18
CA GLY C 222 5.72 1.92 19.22
C GLY C 222 5.75 2.73 20.50
N ILE C 223 6.95 3.17 20.86
CA ILE C 223 7.15 4.11 21.97
C ILE C 223 6.82 5.48 21.43
N ALA C 224 5.98 6.22 22.16
CA ALA C 224 5.47 7.47 21.66
C ALA C 224 5.99 8.65 22.45
N THR C 225 6.18 9.75 21.73
CA THR C 225 6.68 11.01 22.35
C THR C 225 5.90 12.19 21.74
N PRO C 226 5.79 13.30 22.47
CA PRO C 226 5.18 14.50 21.91
C PRO C 226 5.93 14.94 20.65
N LYS C 227 5.20 15.48 19.67
CA LYS C 227 5.78 15.82 18.38
CA LYS C 227 5.74 15.86 18.37
C LYS C 227 6.90 16.83 18.60
N GLY C 228 8.03 16.59 17.94
CA GLY C 228 9.22 17.44 18.15
C GLY C 228 9.93 17.27 19.48
N SER C 229 9.66 16.18 20.21
CA SER C 229 10.40 15.88 21.42
C SER C 229 11.85 15.51 21.08
N SER C 230 12.76 15.99 21.93
CA SER C 230 14.19 15.69 21.82
C SER C 230 14.50 14.24 22.15
N LEU C 231 13.64 13.59 22.94
CA LEU C 231 13.79 12.18 23.28
C LEU C 231 13.51 11.27 22.10
N GLY C 232 12.77 11.77 21.11
CA GLY C 232 12.29 10.97 19.98
C GLY C 232 13.37 10.20 19.23
N ASN C 233 14.37 10.92 18.72
CA ASN C 233 15.49 10.31 18.00
C ASN C 233 16.18 9.20 18.78
N ALA C 234 16.60 9.51 20.00
CA ALA C 234 17.32 8.55 20.83
C ALA C 234 16.50 7.31 21.15
N VAL C 235 15.23 7.48 21.48
CA VAL C 235 14.41 6.34 21.84
C VAL C 235 14.25 5.38 20.64
N ASN C 236 14.08 5.95 19.46
CA ASN C 236 13.99 5.17 18.24
C ASN C 236 15.26 4.31 18.07
N LEU C 237 16.40 4.97 18.24
CA LEU C 237 17.68 4.26 18.06
C LEU C 237 17.85 3.19 19.13
N ALA C 238 17.40 3.47 20.35
CA ALA C 238 17.42 2.46 21.44
C ALA C 238 16.58 1.21 21.14
N VAL C 239 15.38 1.39 20.57
CA VAL C 239 14.55 0.24 20.24
C VAL C 239 15.25 -0.70 19.25
N LEU C 240 15.82 -0.11 18.23
CA LEU C 240 16.52 -0.90 17.19
C LEU C 240 17.71 -1.68 17.79
N LYS C 241 18.46 -1.00 18.64
CA LYS C 241 19.61 -1.61 19.36
C LYS C 241 19.16 -2.81 20.17
N LEU C 242 18.12 -2.63 20.99
CA LEU C 242 17.55 -3.74 21.76
C LEU C 242 17.09 -4.90 20.90
N ASN C 243 16.48 -4.60 19.77
CA ASN C 243 15.99 -5.67 18.93
C ASN C 243 17.13 -6.54 18.43
N GLU C 244 18.16 -5.88 17.93
CA GLU C 244 19.28 -6.56 17.31
C GLU C 244 20.13 -7.37 18.29
N GLN C 245 20.14 -6.95 19.56
CA GLN C 245 20.86 -7.65 20.64
C GLN C 245 20.06 -8.84 21.15
N GLY C 246 18.87 -9.03 20.60
CA GLY C 246 17.98 -10.14 20.97
C GLY C 246 17.21 -9.89 22.26
N LEU C 247 17.33 -8.67 22.79
CA LEU C 247 16.71 -8.34 24.07
CA LEU C 247 16.72 -8.31 24.06
C LEU C 247 15.19 -8.32 24.00
N LEU C 248 14.63 -7.76 22.92
CA LEU C 248 13.18 -7.80 22.72
C LEU C 248 12.61 -9.20 22.66
N ASP C 249 13.33 -10.10 21.97
CA ASP C 249 12.92 -11.50 21.90
C ASP C 249 12.98 -12.19 23.27
N LYS C 250 14.05 -11.91 24.00
CA LYS C 250 14.23 -12.31 25.38
C LYS C 250 13.06 -11.86 26.24
N LEU C 251 12.72 -10.55 26.18
CA LEU C 251 11.58 -10.03 26.96
C LEU C 251 10.26 -10.70 26.59
N LYS C 252 10.05 -10.95 25.30
CA LYS C 252 8.81 -11.57 24.87
C LYS C 252 8.71 -12.99 25.44
N ASN C 253 9.81 -13.73 25.40
CA ASN C 253 9.79 -15.09 25.97
C ASN C 253 9.59 -15.08 27.47
N LYS C 254 10.26 -14.14 28.15
CA LYS C 254 10.16 -13.99 29.60
C LYS C 254 8.72 -13.80 30.05
N TRP C 255 7.99 -12.95 29.31
CA TRP C 255 6.66 -12.55 29.75
C TRP C 255 5.49 -13.31 29.16
N TRP C 256 5.72 -14.02 28.07
CA TRP C 256 4.60 -14.77 27.50
C TRP C 256 4.63 -16.24 27.88
N TYR C 257 5.73 -16.90 27.52
CA TYR C 257 5.75 -18.37 27.52
C TYR C 257 6.53 -18.98 28.66
N ASP C 258 7.54 -18.26 29.15
CA ASP C 258 8.14 -18.60 30.46
C ASP C 258 7.09 -18.45 31.56
N LYS C 259 6.18 -17.49 31.43
CA LYS C 259 5.06 -17.39 32.37
C LYS C 259 3.80 -18.22 32.00
N GLY C 260 3.95 -19.15 31.05
CA GLY C 260 2.87 -20.02 30.62
C GLY C 260 2.46 -20.98 31.72
N GLU C 261 1.17 -21.22 31.87
CA GLU C 261 0.71 -22.12 32.93
C GLU C 261 -0.38 -23.10 32.49
N CYS C 262 -0.58 -23.18 31.19
CA CYS C 262 -1.60 -24.04 30.63
C CYS C 262 -0.97 -25.29 30.03
N GLU D . 16.66 -7.38 3.05
CA GLU D . 18.13 -7.55 3.29
C GLU D . 18.83 -6.21 3.40
O GLU D . 20.07 -6.20 3.54
CB GLU D . 18.76 -8.35 2.15
CG GLU D . 18.45 -9.84 2.18
CD GLU D . 19.22 -10.62 3.27
OE1 GLU D . 18.81 -11.79 3.49
OE2 GLU D . 20.24 -10.11 3.86
OXT GLU D . 18.19 -5.14 3.33
C4 RN8 E . 6.49 -4.73 10.93
C5 RN8 E . 6.54 -4.77 13.70
C6 RN8 E . 7.70 -5.08 11.60
C7 RN8 E . 2.29 -0.65 9.90
C8 RN8 E . 12.37 -3.79 14.66
C10 RN8 E . 10.16 -3.41 12.70
C13 RN8 E . 2.93 -2.03 10.02
C15 RN8 E . 3.86 -2.48 10.92
C17 RN8 E . 4.22 -3.91 10.79
C20 RN8 E . 9.17 -6.16 14.91
C21 RN8 E . 3.64 -5.82 9.14
C22 RN8 E . 8.30 -7.29 15.44
O28 RN8 E . 7.57 -7.85 14.58
O26 RN8 E . 8.50 -7.62 16.64
S30 RN8 E . 10.68 -5.79 15.63
C14 RN8 E . 11.09 -4.55 14.58
C2 RN8 E . 12.61 -3.14 16.01
C18 RN8 E . 8.92 -5.37 13.82
C16 RN8 E . 10.02 -4.41 13.69
N24 RN8 E . 10.31 -2.60 11.88
C12 RN8 E . 7.72 -5.16 13.00
C11 RN8 E . 5.32 -4.43 11.62
C3 RN8 E . 5.37 -4.39 13.03
C9 RN8 E . 4.33 -1.58 11.93
N23 RN8 E . 4.69 -0.85 12.76
C19 RN8 E . 3.58 -4.40 9.70
O27 RN8 E . 3.93 -6.70 9.98
O25 RN8 E . 3.35 -5.91 7.92
S29 RN8 E . 2.54 -3.28 8.94
C1 RN8 E . 2.50 -0.02 8.54
N GLU F . -14.28 12.71 -22.97
CA GLU F . -13.76 12.83 -21.56
C GLU F . -13.33 14.27 -21.26
O GLU F . -12.92 14.52 -20.11
CB GLU F . -12.59 11.86 -21.33
CG GLU F . -12.99 10.41 -21.15
CD GLU F . -13.71 10.10 -19.82
OE1 GLU F . -14.33 9.02 -19.74
OE2 GLU F . -13.68 10.90 -18.87
OXT GLU F . -13.47 15.16 -22.10
C4 RN8 G . -25.28 15.79 -29.22
C5 RN8 G . -27.71 16.39 -28.00
C6 RN8 G . -25.36 15.78 -27.82
C7 RN8 G . -25.40 18.77 -34.27
C8 RN8 G . -25.36 18.16 -22.75
C10 RN8 G . -24.77 17.81 -25.63
C13 RN8 G . -25.52 17.60 -33.35
C15 RN8 G . -26.01 17.54 -32.07
C17 RN8 G . -26.02 16.20 -31.44
C20 RN8 G . -27.67 15.72 -24.84
C21 RN8 G . -25.26 13.79 -32.17
C22 RN8 G . -28.82 14.71 -25.06
O28 RN8 G . -28.50 13.73 -25.80
O26 RN8 G . -29.90 14.99 -24.44
S30 RN8 G . -27.46 16.33 -23.25
C14 RN8 G . -26.13 17.29 -23.71
C2 RN8 G . -25.97 19.55 -22.69
C18 RN8 G . -26.74 16.15 -25.74
C16 RN8 G . -25.88 17.12 -25.05
N24 RN8 G . -23.84 18.29 -26.11
C12 RN8 G . -26.59 16.03 -27.20
C11 RN8 G . -26.40 16.09 -30.03
C3 RN8 G . -27.62 16.44 -29.41
C9 RN8 G . -26.47 18.76 -31.48
N23 RN8 G . -26.82 19.74 -31.01
C19 RN8 G . -25.45 15.33 -32.33
O27 RN8 G . -25.91 13.27 -31.22
O25 RN8 G . -24.58 13.22 -33.08
S29 RN8 G . -25.00 16.07 -33.82
C1 RN8 G . -24.09 18.78 -35.06
ZN ZN H . -4.04 4.74 -3.16
ZN ZN I . 1.42 7.37 -44.59
ZN ZN J . -17.02 19.27 -46.12
C ACT K . -8.46 -4.40 -9.96
O ACT K . -8.33 -3.44 -9.14
OXT ACT K . -7.85 -4.38 -11.09
CH3 ACT K . -9.31 -5.57 -9.55
S SO4 L . -6.15 6.86 -4.63
O1 SO4 L . -5.16 5.73 -4.65
O2 SO4 L . -7.27 6.44 -3.78
O3 SO4 L . -5.55 8.08 -4.02
O4 SO4 L . -6.63 7.06 -6.03
N GLU M . -3.21 -1.34 21.57
CA GLU M . -4.54 -0.65 21.38
C GLU M . -4.35 0.87 21.23
O GLU M . -5.34 1.60 21.10
CB GLU M . -5.48 -0.90 22.56
CG GLU M . -6.09 -2.31 22.57
CD GLU M . -7.17 -2.51 21.50
OE1 GLU M . -7.50 -3.69 21.21
OE2 GLU M . -7.68 -1.52 20.93
OXT GLU M . -3.22 1.38 21.25
ZN ZN N . -17.83 14.10 23.23
ZN ZN O . 20.52 -2.78 27.30
C ACT P . -22.76 -11.18 26.61
O ACT P . -23.26 -10.13 26.09
OXT ACT P . -21.84 -11.04 27.46
CH3 ACT P . -23.29 -12.55 26.21
#